data_4L6O
#
_entry.id   4L6O
#
_cell.length_a   77.300
_cell.length_b   97.175
_cell.length_c   97.894
_cell.angle_alpha   90.00
_cell.angle_beta   90.00
_cell.angle_gamma   90.00
#
_symmetry.space_group_name_H-M   'P 21 21 21'
#
loop_
_entity.id
_entity.type
_entity.pdbx_description
1 polymer '5-methyltetrahydropteroyltriglutamate--homocysteine methyltransferase'
2 non-polymer 'ZINC ION'
3 non-polymer GLUTAMINE
4 water water
#
_entity_poly.entity_id   1
_entity_poly.type   'polypeptide(L)'
_entity_poly.pdbx_seq_one_letter_code
;MHHHHHHSSGVDLGTENLYFQSMVQSSVLGFPRIGGQRELKKITEAYWSGKATVEELLAKGKELREHNWKLQQKAGVDII
PSNDFSYYDQVLDLSLLFNAIPERYTKFDLAPIDVLFAMGRGLQAAATATQAAVDVTALEMVKWFDSNYHYVRPTFSHST
EFKLNTAAGIKPVDEFNEAKALGVQTRPVILGPVSYLYLGKADKDSLDLEPISLLPKILPVYKELLQKLKEAGAEQVQID
EPVLVLDLPEAVQSKFKEAYDALVGADVPELILTTYFGDVRPNLKAIENLPVAGFHFDFVRVPEQLDEVASILKDGQTLS
AGVVDGRNIWKTDFAKASAVVQKAIEKVGKDKVVVATSSSLLHTPVDLESETKLDAVIKDWFSFATQKLDEVVVIAKNVS
GEDVSKQLEANAASIKARSESSITNDPKVQERLTTINEALATRKAAFPERLTEQKAKYNLPLFPTTTIGSFPQTKDIRIN
RNKFAKGQITAEEYEAFINKEIETVVRFQEEIGLDVLVHGEPERNDMVQYFGEQLNGFAFTTNGWVQSYGSRYVRPPIIV
GDVSRPKAMTVKESVYAQSITSKPMKGMLTGPVTILRWSFPRDDVSGKIQALQLGLALRDEVNDLEGAGITVIQVDEPAI
REGLPLRAGKERSDYLNWAAQSFRVATSGVENSTQIHSHFCYSDLDPNHIKALDADVVSIEFSKKDDPNYIQEFSEYPNH
IGLGLFDIHSPRIPSKQEFVSRIEEILKVYPASKFWVNPDCGLKTRGWPEVKESLTNMVEAAKEFRAKY
;
_entity_poly.pdbx_strand_id   A
#
loop_
_chem_comp.id
_chem_comp.type
_chem_comp.name
_chem_comp.formula
ZN non-polymer 'ZINC ION' 'Zn 2'
#
# COMPACT_ATOMS: atom_id res chain seq x y z
N MET A 23 -14.98 19.78 -29.00
CA MET A 23 -14.22 18.55 -28.81
C MET A 23 -13.81 18.61 -27.34
N VAL A 24 -14.22 17.63 -26.56
CA VAL A 24 -13.82 17.48 -25.22
C VAL A 24 -12.44 16.80 -25.20
N GLN A 25 -11.49 17.37 -24.49
CA GLN A 25 -10.13 16.72 -24.30
C GLN A 25 -10.06 15.57 -23.33
N SER A 26 -9.16 14.64 -23.64
CA SER A 26 -8.83 13.52 -22.78
C SER A 26 -7.52 13.89 -22.05
N SER A 27 -7.31 13.29 -20.87
CA SER A 27 -6.18 13.65 -20.02
C SER A 27 -5.72 12.45 -19.18
N VAL A 28 -4.42 12.33 -18.99
CA VAL A 28 -3.85 11.29 -18.19
C VAL A 28 -2.99 12.00 -17.12
N LEU A 29 -3.26 11.65 -15.85
CA LEU A 29 -2.59 12.38 -14.72
C LEU A 29 -1.19 11.88 -14.41
N GLY A 30 -0.80 10.74 -14.99
CA GLY A 30 0.56 10.18 -14.86
C GLY A 30 0.52 8.75 -15.34
N PHE A 31 1.66 8.26 -15.80
CA PHE A 31 1.80 6.90 -16.42
C PHE A 31 2.80 6.09 -15.60
N PRO A 32 2.60 4.79 -15.42
CA PRO A 32 3.64 4.11 -14.61
C PRO A 32 4.94 4.09 -15.39
N ARG A 33 6.05 4.17 -14.68
CA ARG A 33 7.38 4.35 -15.30
C ARG A 33 8.29 3.14 -15.21
N ILE A 34 7.79 2.05 -14.69
CA ILE A 34 8.57 0.85 -14.48
C ILE A 34 8.99 0.14 -15.78
N GLY A 35 8.24 0.40 -16.85
CA GLY A 35 8.44 -0.30 -18.15
C GLY A 35 7.61 -1.55 -18.30
N GLY A 36 7.09 -1.78 -19.52
CA GLY A 36 6.31 -2.98 -19.71
C GLY A 36 7.07 -4.28 -19.43
N GLN A 37 8.40 -4.24 -19.47
CA GLN A 37 9.25 -5.40 -19.18
C GLN A 37 10.07 -5.21 -17.89
N ARG A 38 9.63 -4.31 -17.01
CA ARG A 38 10.40 -3.95 -15.84
C ARG A 38 11.81 -3.44 -16.13
N GLU A 39 11.95 -2.71 -17.24
CA GLU A 39 13.23 -2.13 -17.63
C GLU A 39 13.81 -1.26 -16.55
N LEU A 40 12.95 -0.49 -15.82
CA LEU A 40 13.47 0.51 -14.91
C LEU A 40 14.14 -0.15 -13.72
N LYS A 41 13.50 -1.18 -13.19
CA LYS A 41 14.09 -2.00 -12.14
C LYS A 41 15.47 -2.56 -12.54
N LYS A 42 15.52 -3.17 -13.71
CA LYS A 42 16.74 -3.80 -14.18
C LYS A 42 17.85 -2.80 -14.24
N ILE A 43 17.60 -1.63 -14.82
CA ILE A 43 18.70 -0.69 -15.02
C ILE A 43 19.06 0.03 -13.70
N THR A 44 18.08 0.38 -12.86
CA THR A 44 18.39 1.07 -11.61
C THR A 44 19.20 0.10 -10.68
N GLU A 45 18.82 -1.16 -10.65
CA GLU A 45 19.48 -2.14 -9.75
C GLU A 45 20.89 -2.40 -10.30
N ALA A 46 21.02 -2.39 -11.63
CA ALA A 46 22.36 -2.58 -12.29
C ALA A 46 23.26 -1.40 -11.98
N TYR A 47 22.69 -0.22 -11.93
CA TYR A 47 23.42 0.98 -11.58
C TYR A 47 23.86 0.90 -10.13
N TRP A 48 22.92 0.55 -9.24
CA TRP A 48 23.22 0.56 -7.82
C TRP A 48 24.25 -0.53 -7.51
N SER A 49 24.30 -1.59 -8.33
CA SER A 49 25.26 -2.67 -8.16
C SER A 49 26.63 -2.41 -8.83
N GLY A 50 26.70 -1.44 -9.71
CA GLY A 50 27.96 -1.04 -10.32
C GLY A 50 28.16 -1.60 -11.70
N LYS A 51 27.21 -2.42 -12.14
CA LYS A 51 27.22 -3.04 -13.47
C LYS A 51 26.98 -1.99 -14.54
N ALA A 52 26.22 -0.95 -14.23
CA ALA A 52 25.88 0.03 -15.21
C ALA A 52 26.34 1.40 -14.80
N THR A 53 26.73 2.24 -15.75
CA THR A 53 27.12 3.59 -15.40
C THR A 53 25.86 4.47 -15.23
N VAL A 54 26.06 5.61 -14.60
CA VAL A 54 24.98 6.62 -14.51
C VAL A 54 24.54 7.10 -15.90
N GLU A 55 25.47 7.23 -16.86
CA GLU A 55 25.08 7.55 -18.24
C GLU A 55 24.13 6.51 -18.90
N GLU A 56 24.38 5.22 -18.65
CA GLU A 56 23.53 4.18 -19.11
C GLU A 56 22.11 4.23 -18.43
N LEU A 57 22.12 4.58 -17.15
CA LEU A 57 20.86 4.70 -16.42
C LEU A 57 20.03 5.85 -17.04
N LEU A 58 20.66 7.01 -17.21
CA LEU A 58 19.93 8.19 -17.77
C LEU A 58 19.44 7.92 -19.20
N ALA A 59 20.24 7.16 -19.96
CA ALA A 59 19.88 6.77 -21.32
C ALA A 59 18.62 5.93 -21.33
N LYS A 60 18.56 4.97 -20.41
CA LYS A 60 17.39 4.08 -20.31
C LYS A 60 16.13 4.83 -19.83
N GLY A 61 16.32 5.76 -18.93
CA GLY A 61 15.20 6.60 -18.46
C GLY A 61 14.66 7.43 -19.60
N LYS A 62 15.53 8.03 -20.40
CA LYS A 62 15.11 8.81 -21.57
C LYS A 62 14.33 7.96 -22.53
N GLU A 63 14.80 6.77 -22.74
CA GLU A 63 14.15 5.87 -23.67
C GLU A 63 12.74 5.52 -23.14
N LEU A 64 12.67 5.28 -21.86
CA LEU A 64 11.35 4.88 -21.27
C LEU A 64 10.37 6.00 -21.41
N ARG A 65 10.80 7.20 -21.08
CA ARG A 65 9.89 8.34 -21.14
C ARG A 65 9.40 8.56 -22.58
N GLU A 66 10.35 8.45 -23.53
CA GLU A 66 10.02 8.66 -24.89
C GLU A 66 9.01 7.65 -25.32
N HIS A 67 9.19 6.39 -24.93
CA HIS A 67 8.32 5.33 -25.26
C HIS A 67 6.91 5.62 -24.74
N ASN A 68 6.85 6.04 -23.49
CA ASN A 68 5.55 6.32 -22.89
C ASN A 68 4.84 7.54 -23.44
N TRP A 69 5.60 8.58 -23.78
CA TRP A 69 4.98 9.74 -24.35
C TRP A 69 4.39 9.38 -25.72
N LYS A 70 5.11 8.59 -26.50
CA LYS A 70 4.62 8.17 -27.83
C LYS A 70 3.43 7.25 -27.75
N LEU A 71 3.45 6.37 -26.78
CA LEU A 71 2.28 5.57 -26.52
C LEU A 71 1.02 6.37 -26.29
N GLN A 72 1.11 7.41 -25.47
CA GLN A 72 -0.05 8.25 -25.15
C GLN A 72 -0.47 9.14 -26.35
N GLN A 73 0.51 9.63 -27.11
CA GLN A 73 0.23 10.39 -28.29
C GLN A 73 -0.48 9.52 -29.35
N LYS A 74 0.00 8.30 -29.55
CA LYS A 74 -0.57 7.33 -30.49
C LYS A 74 -1.96 6.97 -30.09
N ALA A 75 -2.19 6.87 -28.79
CA ALA A 75 -3.50 6.57 -28.33
C ALA A 75 -4.50 7.67 -28.61
N GLY A 76 -4.07 8.90 -28.77
CA GLY A 76 -4.98 9.97 -28.96
C GLY A 76 -5.21 10.85 -27.75
N VAL A 77 -4.43 10.63 -26.68
CA VAL A 77 -4.57 11.45 -25.48
C VAL A 77 -4.17 12.88 -25.78
N ASP A 78 -5.02 13.82 -25.40
CA ASP A 78 -4.77 15.27 -25.66
C ASP A 78 -3.78 15.88 -24.64
N ILE A 79 -4.02 15.63 -23.37
CA ILE A 79 -3.23 16.22 -22.30
C ILE A 79 -2.39 15.09 -21.65
N ILE A 80 -1.12 15.14 -21.95
CA ILE A 80 -0.15 14.07 -21.67
C ILE A 80 0.82 14.63 -20.61
N PRO A 81 1.05 13.84 -19.59
CA PRO A 81 1.92 14.35 -18.50
C PRO A 81 3.38 14.22 -18.72
N SER A 82 4.12 15.11 -18.07
CA SER A 82 5.52 14.99 -17.91
C SER A 82 5.88 15.38 -16.47
N ASN A 83 7.06 14.95 -16.05
CA ASN A 83 7.61 14.99 -14.71
C ASN A 83 7.03 13.90 -13.80
N ASP A 84 6.19 13.07 -14.40
CA ASP A 84 5.64 11.87 -13.75
C ASP A 84 6.62 10.69 -13.67
N PHE A 85 7.64 10.72 -14.49
CA PHE A 85 8.64 9.75 -14.45
C PHE A 85 9.46 9.97 -13.18
N SER A 86 10.03 8.89 -12.69
CA SER A 86 11.01 8.99 -11.59
C SER A 86 11.89 7.78 -11.59
N TYR A 87 13.12 7.99 -11.15
CA TYR A 87 14.04 6.91 -10.83
C TYR A 87 13.80 6.23 -9.50
N TYR A 88 12.98 6.84 -8.62
CA TYR A 88 12.77 6.30 -7.28
C TYR A 88 11.39 6.74 -6.75
N ASP A 89 11.22 8.02 -6.56
CA ASP A 89 9.98 8.61 -6.08
C ASP A 89 9.85 10.06 -6.47
N GLN A 90 8.72 10.43 -7.06
CA GLN A 90 8.43 11.83 -7.45
C GLN A 90 8.44 12.84 -6.29
N VAL A 91 8.00 12.44 -5.11
CA VAL A 91 8.10 13.37 -3.95
C VAL A 91 9.56 13.64 -3.65
N LEU A 92 10.36 12.58 -3.59
CA LEU A 92 11.81 12.65 -3.42
C LEU A 92 12.42 13.51 -4.52
N ASP A 93 11.95 13.37 -5.77
CA ASP A 93 12.44 14.24 -6.80
C ASP A 93 12.22 15.74 -6.48
N LEU A 94 11.11 16.14 -5.85
CA LEU A 94 10.87 17.54 -5.53
C LEU A 94 11.74 17.96 -4.35
N SER A 95 11.91 17.09 -3.37
CA SER A 95 12.88 17.40 -2.28
C SER A 95 14.25 17.81 -2.84
N LEU A 96 14.76 16.98 -3.76
CA LEU A 96 16.02 17.24 -4.45
C LEU A 96 16.03 18.58 -5.17
N LEU A 97 15.03 18.77 -6.01
CA LEU A 97 14.86 19.97 -6.79
C LEU A 97 14.78 21.24 -5.96
N PHE A 98 14.18 21.18 -4.78
CA PHE A 98 13.89 22.34 -3.96
C PHE A 98 14.93 22.51 -2.79
N ASN A 99 15.87 21.61 -2.74
CA ASN A 99 16.98 21.61 -1.74
C ASN A 99 16.56 21.27 -0.30
N ALA A 100 15.50 20.48 -0.17
CA ALA A 100 15.10 19.89 1.11
C ALA A 100 15.97 18.65 1.30
N ILE A 101 17.25 18.89 1.62
CA ILE A 101 18.20 17.82 1.65
C ILE A 101 18.90 17.87 3.01
N PRO A 102 18.68 16.86 3.87
CA PRO A 102 19.38 16.97 5.18
C PRO A 102 20.90 16.87 5.03
N GLU A 103 21.60 17.59 5.89
CA GLU A 103 23.06 17.69 5.85
C GLU A 103 23.72 16.33 5.82
N ARG A 104 23.21 15.35 6.56
CA ARG A 104 23.89 14.05 6.57
C ARG A 104 24.17 13.40 5.17
N TYR A 105 23.36 13.73 4.14
CA TYR A 105 23.50 13.10 2.81
C TYR A 105 24.46 13.84 1.89
N THR A 106 24.94 14.99 2.33
CA THR A 106 25.84 15.84 1.51
C THR A 106 27.35 15.71 1.85
N LYS A 107 27.71 14.79 2.72
CA LYS A 107 29.09 14.75 3.25
C LYS A 107 29.93 13.66 2.56
N PHE A 108 29.45 13.14 1.43
CA PHE A 108 30.04 11.94 0.80
C PHE A 108 30.53 12.07 -0.63
N ASP A 109 30.67 13.29 -1.11
CA ASP A 109 31.11 13.53 -2.48
C ASP A 109 30.21 12.94 -3.58
N LEU A 110 28.92 12.78 -3.27
CA LEU A 110 27.95 12.26 -4.22
C LEU A 110 27.45 13.35 -5.16
N ALA A 111 27.35 13.02 -6.45
CA ALA A 111 26.56 13.79 -7.41
C ALA A 111 25.04 13.84 -7.04
N PRO A 112 24.32 14.87 -7.52
CA PRO A 112 22.91 15.05 -7.18
C PRO A 112 22.05 13.80 -7.25
N ILE A 113 22.20 12.97 -8.27
CA ILE A 113 21.39 11.79 -8.39
C ILE A 113 21.79 10.75 -7.36
N ASP A 114 23.06 10.76 -6.93
CA ASP A 114 23.40 9.77 -5.92
C ASP A 114 23.04 10.29 -4.53
N VAL A 115 22.94 11.58 -4.36
CA VAL A 115 22.37 12.12 -3.15
C VAL A 115 20.88 11.67 -3.06
N LEU A 116 20.23 11.64 -4.21
CA LEU A 116 18.82 11.23 -4.30
C LEU A 116 18.66 9.80 -3.89
N PHE A 117 19.47 8.94 -4.48
CA PHE A 117 19.44 7.57 -4.13
C PHE A 117 19.82 7.35 -2.67
N ALA A 118 20.70 8.18 -2.13
CA ALA A 118 21.10 7.96 -0.72
C ALA A 118 19.91 8.20 0.22
N MET A 119 19.19 9.30 -0.03
CA MET A 119 17.97 9.69 0.72
C MET A 119 16.91 8.64 0.61
N GLY A 120 16.77 8.11 -0.58
CA GLY A 120 15.78 7.12 -0.88
C GLY A 120 16.10 5.79 -0.28
N ARG A 121 17.36 5.38 -0.34
CA ARG A 121 17.64 4.02 0.05
C ARG A 121 18.78 3.88 1.05
N GLY A 122 19.26 5.00 1.57
CA GLY A 122 20.38 4.95 2.48
C GLY A 122 21.69 4.79 1.72
N LEU A 123 22.78 4.76 2.46
CA LEU A 123 24.09 4.70 1.83
C LEU A 123 24.93 3.66 2.56
N GLN A 124 25.42 2.63 1.85
CA GLN A 124 26.20 1.52 2.46
C GLN A 124 27.61 1.39 1.86
N VAL A 136 24.49 6.56 7.17
CA VAL A 136 23.20 7.30 7.01
C VAL A 136 22.03 6.41 6.62
N THR A 137 20.98 6.38 7.42
CA THR A 137 19.87 5.57 7.03
C THR A 137 19.04 6.46 6.08
N ALA A 138 18.18 5.78 5.32
CA ALA A 138 17.30 6.37 4.30
C ALA A 138 16.27 7.23 4.96
N LEU A 139 15.70 8.21 4.24
CA LEU A 139 14.61 9.00 4.81
C LEU A 139 13.42 8.03 5.01
N GLU A 140 12.46 8.42 5.82
CA GLU A 140 11.29 7.60 6.07
C GLU A 140 10.43 7.32 4.80
N MET A 141 10.02 6.06 4.68
N MET A 141 10.06 6.08 4.56
CA MET A 141 9.08 5.59 3.67
CA MET A 141 9.11 5.83 3.48
C MET A 141 7.68 5.70 4.21
C MET A 141 7.74 5.65 4.09
N VAL A 142 6.73 6.22 3.43
CA VAL A 142 5.42 6.47 3.96
C VAL A 142 4.34 6.15 2.92
N LYS A 143 3.23 5.53 3.31
CA LYS A 143 2.15 5.15 2.39
C LYS A 143 1.61 6.47 1.79
N TRP A 144 1.36 6.42 0.49
CA TRP A 144 0.76 7.54 -0.21
C TRP A 144 -0.73 7.42 -0.13
N PHE A 145 -1.34 8.19 0.79
CA PHE A 145 -2.72 8.07 1.13
C PHE A 145 -3.11 6.60 1.39
N ASP A 146 -4.17 6.17 0.78
CA ASP A 146 -4.62 4.80 0.95
C ASP A 146 -4.31 3.97 -0.32
N SER A 147 -3.40 4.47 -1.18
CA SER A 147 -2.84 3.69 -2.28
C SER A 147 -1.88 2.65 -1.76
N ASN A 148 -1.43 1.79 -2.64
CA ASN A 148 -0.33 0.92 -2.26
C ASN A 148 1.06 1.41 -2.72
N TYR A 149 1.22 2.70 -2.98
CA TYR A 149 2.49 3.21 -3.30
C TYR A 149 3.06 3.87 -2.01
N HIS A 150 4.35 3.91 -1.94
CA HIS A 150 5.09 4.67 -0.87
C HIS A 150 5.97 5.73 -1.37
N TYR A 151 5.95 6.88 -0.70
CA TYR A 151 6.78 7.97 -1.06
C TYR A 151 7.77 8.16 0.08
N VAL A 152 8.77 8.98 -0.21
CA VAL A 152 9.81 9.34 0.71
C VAL A 152 9.47 10.69 1.34
N ARG A 153 9.38 10.66 2.64
CA ARG A 153 8.86 11.76 3.39
C ARG A 153 9.74 13.00 3.22
N PRO A 154 9.15 14.12 2.77
CA PRO A 154 9.96 15.33 2.84
C PRO A 154 10.32 15.66 4.31
N THR A 155 11.55 16.02 4.50
CA THR A 155 12.11 16.11 5.84
C THR A 155 12.74 17.48 5.92
N PHE A 156 12.28 18.28 6.90
CA PHE A 156 12.72 19.66 6.99
C PHE A 156 13.34 19.98 8.38
N SER A 157 14.27 20.88 8.32
CA SER A 157 14.92 21.49 9.52
C SER A 157 14.71 23.02 9.60
N HIS A 158 14.96 23.59 10.78
CA HIS A 158 14.91 25.05 10.95
C HIS A 158 15.88 25.70 9.99
N SER A 159 16.97 24.99 9.71
CA SER A 159 18.02 25.47 8.83
C SER A 159 17.71 25.26 7.36
N THR A 160 16.67 24.47 7.04
CA THR A 160 16.35 24.29 5.63
C THR A 160 16.27 25.62 4.86
N GLU A 161 17.01 25.67 3.76
CA GLU A 161 17.01 26.79 2.88
C GLU A 161 16.47 26.34 1.53
N PHE A 162 15.29 26.79 1.16
CA PHE A 162 14.67 26.34 -0.10
C PHE A 162 15.20 27.14 -1.28
N LYS A 163 15.54 26.44 -2.36
CA LYS A 163 16.10 27.07 -3.54
C LYS A 163 16.10 26.05 -4.64
N LEU A 164 16.11 26.51 -5.89
CA LEU A 164 16.17 25.58 -7.00
C LEU A 164 17.53 25.02 -7.17
N ASN A 165 17.63 23.71 -6.97
CA ASN A 165 18.83 22.99 -7.38
C ASN A 165 18.83 22.96 -8.90
N THR A 166 19.75 23.76 -9.47
CA THR A 166 19.92 23.89 -10.92
C THR A 166 21.17 23.17 -11.41
N ALA A 167 21.95 22.67 -10.46
CA ALA A 167 23.17 21.93 -10.74
C ALA A 167 22.87 20.63 -11.48
N ALA A 168 22.04 19.79 -10.87
CA ALA A 168 21.57 18.54 -11.51
C ALA A 168 21.02 18.73 -12.93
N GLY A 169 20.26 19.79 -13.11
CA GLY A 169 19.30 19.91 -14.20
C GLY A 169 18.02 20.21 -13.44
N ILE A 170 17.05 20.88 -14.05
CA ILE A 170 15.73 21.11 -13.43
C ILE A 170 14.85 20.08 -14.11
N LYS A 171 14.58 18.97 -13.38
CA LYS A 171 13.99 17.80 -13.99
C LYS A 171 12.70 18.15 -14.76
N PRO A 172 11.78 18.91 -14.17
CA PRO A 172 10.53 19.12 -14.93
C PRO A 172 10.72 19.94 -16.21
N VAL A 173 11.65 20.90 -16.17
CA VAL A 173 11.99 21.66 -17.40
C VAL A 173 12.65 20.74 -18.41
N ASP A 174 13.63 19.97 -17.97
CA ASP A 174 14.33 19.10 -18.91
C ASP A 174 13.45 18.04 -19.55
N GLU A 175 12.52 17.45 -18.77
CA GLU A 175 11.68 16.43 -19.35
C GLU A 175 10.61 17.04 -20.22
N PHE A 176 10.07 18.20 -19.87
CA PHE A 176 9.17 18.90 -20.79
C PHE A 176 9.82 19.16 -22.19
N ASN A 177 11.08 19.58 -22.07
CA ASN A 177 11.92 19.92 -23.26
C ASN A 177 12.18 18.70 -24.11
N GLU A 178 12.42 17.54 -23.47
CA GLU A 178 12.56 16.25 -24.15
C GLU A 178 11.35 15.93 -24.93
N ALA A 179 10.21 15.94 -24.23
CA ALA A 179 8.98 15.58 -24.89
C ALA A 179 8.67 16.51 -26.09
N LYS A 180 8.86 17.79 -25.89
CA LYS A 180 8.66 18.80 -26.96
C LYS A 180 9.56 18.47 -28.23
N ALA A 181 10.80 18.04 -28.01
CA ALA A 181 11.72 17.74 -29.13
C ALA A 181 11.18 16.52 -29.86
N LEU A 182 10.42 15.67 -29.18
CA LEU A 182 9.73 14.56 -29.87
C LEU A 182 8.46 14.93 -30.62
N GLY A 183 8.02 16.16 -30.51
CA GLY A 183 6.78 16.60 -31.07
C GLY A 183 5.59 16.33 -30.15
N VAL A 184 5.85 16.12 -28.86
CA VAL A 184 4.78 15.94 -27.82
C VAL A 184 4.73 17.09 -26.81
N GLN A 185 3.67 17.90 -26.88
CA GLN A 185 3.41 18.92 -25.87
C GLN A 185 2.82 18.17 -24.66
N THR A 186 3.41 18.39 -23.49
CA THR A 186 3.02 17.81 -22.24
C THR A 186 2.58 18.84 -21.21
N ARG A 187 1.81 18.37 -20.22
CA ARG A 187 1.50 19.15 -19.06
C ARG A 187 2.37 18.66 -17.84
N PRO A 188 3.38 19.43 -17.42
CA PRO A 188 4.16 19.04 -16.25
C PRO A 188 3.30 18.83 -14.99
N VAL A 189 3.67 17.81 -14.22
CA VAL A 189 2.97 17.49 -13.00
C VAL A 189 3.86 17.76 -11.82
N ILE A 190 3.42 18.64 -10.95
CA ILE A 190 4.20 18.88 -9.70
C ILE A 190 3.26 18.81 -8.50
N LEU A 191 3.77 18.26 -7.40
CA LEU A 191 3.07 18.29 -6.16
C LEU A 191 3.11 19.73 -5.63
N GLY A 192 1.92 20.22 -5.24
CA GLY A 192 1.73 21.64 -4.86
C GLY A 192 2.33 21.90 -3.46
N PRO A 193 2.52 23.15 -3.12
CA PRO A 193 3.22 23.57 -1.91
C PRO A 193 2.56 23.16 -0.64
N VAL A 194 1.24 23.26 -0.59
CA VAL A 194 0.52 22.94 0.66
C VAL A 194 0.68 21.46 0.95
N SER A 195 0.37 20.60 -0.02
CA SER A 195 0.57 19.15 0.18
C SER A 195 2.01 18.71 0.45
N TYR A 196 2.93 19.28 -0.28
CA TYR A 196 4.30 18.92 -0.18
C TYR A 196 4.82 19.18 1.29
N LEU A 197 4.48 20.33 1.82
CA LEU A 197 4.81 20.66 3.22
C LEU A 197 4.01 19.90 4.20
N TYR A 198 2.71 19.80 4.00
CA TYR A 198 1.87 19.17 4.97
C TYR A 198 2.18 17.72 5.12
N LEU A 199 2.59 17.06 4.07
CA LEU A 199 2.85 15.62 4.14
C LEU A 199 4.31 15.39 4.63
N GLY A 200 4.99 16.47 4.88
CA GLY A 200 6.39 16.33 5.28
C GLY A 200 6.51 16.28 6.80
N LYS A 201 7.75 16.30 7.28
CA LYS A 201 7.98 16.14 8.75
C LYS A 201 9.27 16.83 9.16
N ALA A 202 9.26 17.32 10.41
CA ALA A 202 10.46 17.93 11.03
C ALA A 202 11.53 16.87 11.24
N ASP A 203 12.75 17.18 10.86
CA ASP A 203 13.87 16.27 11.07
C ASP A 203 14.15 16.15 12.59
N LYS A 204 14.91 15.12 12.96
CA LYS A 204 15.33 14.80 14.36
C LYS A 204 15.84 16.02 15.12
N ASP A 205 16.59 16.86 14.41
CA ASP A 205 17.21 18.02 15.01
C ASP A 205 16.24 19.20 15.22
N SER A 206 14.99 19.10 14.82
CA SER A 206 14.10 20.28 14.86
C SER A 206 12.68 19.87 15.29
N LEU A 207 12.59 18.96 16.26
CA LEU A 207 11.30 18.32 16.61
C LEU A 207 10.13 19.30 16.81
N ASP A 208 10.40 20.60 16.88
CA ASP A 208 9.33 21.57 17.16
C ASP A 208 8.86 22.34 15.92
N LEU A 209 9.39 21.99 14.77
CA LEU A 209 9.05 22.70 13.56
C LEU A 209 7.69 22.17 13.03
N GLU A 210 6.78 23.08 12.68
CA GLU A 210 5.52 22.76 11.93
C GLU A 210 5.80 22.97 10.42
N PRO A 211 5.84 21.89 9.65
CA PRO A 211 6.29 22.04 8.26
C PRO A 211 5.56 23.11 7.52
N ILE A 212 4.26 23.29 7.78
CA ILE A 212 3.44 24.22 6.99
C ILE A 212 3.88 25.65 7.29
N SER A 213 4.57 25.91 8.41
CA SER A 213 5.07 27.30 8.66
C SER A 213 6.07 27.75 7.59
N LEU A 214 6.70 26.81 6.88
CA LEU A 214 7.73 27.15 5.87
C LEU A 214 7.15 27.58 4.51
N LEU A 215 5.83 27.77 4.47
CA LEU A 215 5.17 28.14 3.19
C LEU A 215 5.80 29.40 2.57
N PRO A 216 5.98 30.48 3.36
CA PRO A 216 6.52 31.70 2.74
C PRO A 216 7.88 31.52 2.10
N LYS A 217 8.65 30.61 2.64
CA LYS A 217 10.00 30.33 2.14
C LYS A 217 10.02 29.50 0.86
N ILE A 218 9.05 28.57 0.73
CA ILE A 218 8.97 27.72 -0.48
C ILE A 218 8.26 28.31 -1.67
N LEU A 219 7.33 29.26 -1.46
CA LEU A 219 6.54 29.80 -2.55
C LEU A 219 7.39 30.43 -3.64
N PRO A 220 8.43 31.22 -3.26
CA PRO A 220 9.24 31.84 -4.29
C PRO A 220 9.91 30.78 -5.14
N VAL A 221 10.25 29.63 -4.57
CA VAL A 221 10.94 28.58 -5.31
C VAL A 221 9.96 27.95 -6.33
N TYR A 222 8.74 27.60 -5.88
CA TYR A 222 7.65 27.24 -6.84
C TYR A 222 7.45 28.25 -7.97
N LYS A 223 7.35 29.54 -7.61
CA LYS A 223 7.08 30.60 -8.62
C LYS A 223 8.18 30.56 -9.69
N GLU A 224 9.41 30.43 -9.24
CA GLU A 224 10.54 30.43 -10.15
C GLU A 224 10.46 29.23 -11.04
N LEU A 225 10.10 28.07 -10.48
CA LEU A 225 10.05 26.85 -11.27
C LEU A 225 8.99 27.06 -12.34
N LEU A 226 7.84 27.60 -11.95
CA LEU A 226 6.72 27.80 -12.88
C LEU A 226 7.05 28.81 -14.00
N GLN A 227 7.78 29.87 -13.66
CA GLN A 227 8.28 30.84 -14.69
C GLN A 227 9.12 30.14 -15.70
N LYS A 228 10.02 29.26 -15.24
CA LYS A 228 10.91 28.54 -16.13
C LYS A 228 10.15 27.57 -17.04
N LEU A 229 9.15 26.86 -16.49
CA LEU A 229 8.30 26.01 -17.32
C LEU A 229 7.56 26.78 -18.40
N LYS A 230 6.98 27.94 -18.06
CA LYS A 230 6.30 28.75 -19.07
C LYS A 230 7.30 29.18 -20.19
N GLU A 231 8.42 29.72 -19.77
CA GLU A 231 9.52 30.05 -20.72
C GLU A 231 9.86 28.84 -21.60
N ALA A 232 9.89 27.59 -21.05
CA ALA A 232 10.18 26.46 -21.90
C ALA A 232 9.07 26.23 -22.89
N GLY A 233 7.87 26.77 -22.62
CA GLY A 233 6.68 26.59 -23.51
C GLY A 233 5.52 25.73 -22.93
N ALA A 234 5.55 25.51 -21.61
CA ALA A 234 4.40 24.86 -20.89
C ALA A 234 3.24 25.83 -20.76
N GLU A 235 2.08 25.48 -21.27
CA GLU A 235 0.93 26.38 -21.15
C GLU A 235 0.00 25.99 -19.93
N GLN A 236 0.08 24.74 -19.50
CA GLN A 236 -0.69 24.26 -18.33
C GLN A 236 0.21 23.39 -17.46
N VAL A 237 0.05 23.51 -16.13
CA VAL A 237 0.66 22.58 -15.16
C VAL A 237 -0.46 21.96 -14.31
N GLN A 238 -0.31 20.64 -14.11
CA GLN A 238 -1.07 19.88 -13.13
C GLN A 238 -0.41 20.01 -11.80
N ILE A 239 -1.02 20.75 -10.88
CA ILE A 239 -0.48 20.99 -9.53
C ILE A 239 -1.32 20.22 -8.54
N ASP A 240 -0.72 19.14 -8.06
CA ASP A 240 -1.41 18.14 -7.25
C ASP A 240 -1.60 18.68 -5.81
N GLU A 241 -2.84 18.74 -5.33
CA GLU A 241 -3.08 19.09 -3.93
C GLU A 241 -4.01 18.07 -3.29
N PRO A 242 -3.56 16.84 -3.21
CA PRO A 242 -4.40 15.76 -2.63
C PRO A 242 -4.69 15.85 -1.20
N VAL A 243 -3.95 16.68 -0.41
CA VAL A 243 -4.36 16.93 0.93
C VAL A 243 -5.76 17.52 1.14
N LEU A 244 -6.35 18.04 0.06
CA LEU A 244 -7.74 18.44 0.06
C LEU A 244 -8.78 17.39 0.29
N VAL A 245 -8.40 16.12 0.16
CA VAL A 245 -9.27 15.06 0.49
C VAL A 245 -9.13 14.52 1.89
N LEU A 246 -8.24 15.11 2.67
CA LEU A 246 -8.18 14.86 4.06
C LEU A 246 -8.95 15.87 4.95
N ASP A 247 -9.08 15.48 6.21
CA ASP A 247 -9.57 16.41 7.27
C ASP A 247 -8.46 17.39 7.51
N LEU A 248 -8.63 18.64 7.09
CA LEU A 248 -7.63 19.65 7.28
C LEU A 248 -8.03 20.65 8.38
N PRO A 249 -7.07 20.98 9.22
CA PRO A 249 -7.31 22.08 10.15
C PRO A 249 -7.62 23.37 9.43
N GLU A 250 -8.45 24.20 10.03
CA GLU A 250 -8.83 25.46 9.40
C GLU A 250 -7.62 26.30 9.09
N ALA A 251 -6.58 26.20 9.94
CA ALA A 251 -5.38 27.05 9.72
C ALA A 251 -4.58 26.58 8.48
N VAL A 252 -4.75 25.31 8.13
CA VAL A 252 -4.17 24.78 6.88
C VAL A 252 -5.04 25.09 5.64
N GLN A 253 -6.36 25.06 5.80
CA GLN A 253 -7.29 25.39 4.75
C GLN A 253 -7.04 26.80 4.14
N SER A 254 -6.62 27.77 4.99
CA SER A 254 -6.43 29.14 4.59
C SER A 254 -5.21 29.30 3.70
N LYS A 255 -4.31 28.35 3.76
CA LYS A 255 -3.06 28.42 2.99
C LYS A 255 -3.14 28.19 1.49
N PHE A 256 -4.23 27.60 1.02
CA PHE A 256 -4.47 27.49 -0.43
C PHE A 256 -4.63 28.87 -1.05
N LYS A 257 -5.48 29.70 -0.46
CA LYS A 257 -5.62 31.05 -1.00
C LYS A 257 -4.27 31.77 -0.97
N GLU A 258 -3.58 31.72 0.17
CA GLU A 258 -2.23 32.28 0.29
C GLU A 258 -1.23 31.76 -0.75
N ALA A 259 -1.10 30.44 -0.89
CA ALA A 259 -0.21 29.91 -1.91
C ALA A 259 -0.62 30.27 -3.34
N TYR A 260 -1.89 30.03 -3.71
CA TYR A 260 -2.26 30.18 -5.08
C TYR A 260 -2.37 31.64 -5.49
N ASP A 261 -2.68 32.53 -4.55
CA ASP A 261 -2.58 33.98 -4.87
C ASP A 261 -1.17 34.35 -5.26
N ALA A 262 -0.18 33.82 -4.56
CA ALA A 262 1.22 34.07 -4.88
C ALA A 262 1.71 33.47 -6.19
N LEU A 263 1.21 32.32 -6.60
CA LEU A 263 1.74 31.67 -7.79
C LEU A 263 1.16 32.05 -9.13
N VAL A 264 -0.15 32.20 -9.20
CA VAL A 264 -0.84 32.47 -10.47
C VAL A 264 -0.46 33.86 -10.92
N GLY A 265 -0.42 34.08 -12.22
CA GLY A 265 -0.09 35.38 -12.84
C GLY A 265 0.17 35.16 -14.33
N ALA A 266 0.39 36.23 -15.08
CA ALA A 266 0.66 36.04 -16.51
C ALA A 266 2.05 35.43 -16.81
N ASP A 267 2.98 35.47 -15.88
CA ASP A 267 4.34 34.93 -16.21
C ASP A 267 4.47 33.39 -15.88
N VAL A 268 3.36 32.74 -15.49
CA VAL A 268 3.35 31.28 -15.22
C VAL A 268 2.30 30.54 -16.08
N PRO A 269 2.47 29.21 -16.29
CA PRO A 269 1.40 28.46 -16.95
C PRO A 269 0.12 28.48 -16.10
N GLU A 270 -0.98 28.18 -16.76
CA GLU A 270 -2.23 27.98 -16.14
C GLU A 270 -2.09 26.77 -15.23
N LEU A 271 -2.75 26.84 -14.07
CA LEU A 271 -2.61 25.76 -13.09
C LEU A 271 -3.93 25.04 -12.92
N ILE A 272 -3.86 23.68 -12.96
CA ILE A 272 -5.00 22.85 -12.78
C ILE A 272 -4.77 22.20 -11.42
N LEU A 273 -5.58 22.60 -10.44
CA LEU A 273 -5.43 22.17 -9.08
C LEU A 273 -6.08 20.82 -8.94
N THR A 274 -5.28 19.79 -8.60
CA THR A 274 -5.68 18.45 -8.86
C THR A 274 -5.75 17.60 -7.59
N THR A 275 -6.90 16.99 -7.37
CA THR A 275 -7.18 16.17 -6.22
C THR A 275 -7.62 14.79 -6.64
N TYR A 276 -7.38 13.79 -5.75
CA TYR A 276 -7.75 12.44 -5.99
C TYR A 276 -7.80 11.66 -4.71
N PHE A 277 -8.49 10.53 -4.82
CA PHE A 277 -8.59 9.54 -3.77
C PHE A 277 -9.68 9.83 -2.76
N GLY A 278 -10.41 10.90 -2.96
CA GLY A 278 -11.37 11.29 -1.90
C GLY A 278 -12.23 12.51 -2.23
N ASP A 279 -12.88 12.97 -1.16
CA ASP A 279 -13.95 13.96 -1.16
C ASP A 279 -13.38 15.26 -0.69
N VAL A 280 -13.47 16.26 -1.53
CA VAL A 280 -13.02 17.58 -1.28
C VAL A 280 -14.10 18.45 -0.54
N ARG A 281 -15.35 17.99 -0.55
CA ARG A 281 -16.46 18.85 -0.08
C ARG A 281 -16.23 19.51 1.27
N PRO A 282 -15.72 18.77 2.27
CA PRO A 282 -15.50 19.52 3.53
C PRO A 282 -14.55 20.66 3.45
N ASN A 283 -13.66 20.64 2.45
CA ASN A 283 -12.71 21.71 2.21
C ASN A 283 -13.07 22.74 1.12
N LEU A 284 -14.32 22.74 0.63
CA LEU A 284 -14.64 23.59 -0.54
C LEU A 284 -14.38 25.07 -0.24
N LYS A 285 -14.68 25.49 0.96
CA LYS A 285 -14.51 26.90 1.28
C LYS A 285 -13.06 27.34 1.03
N ALA A 286 -12.12 26.44 1.28
CA ALA A 286 -10.70 26.69 1.09
C ALA A 286 -10.28 26.98 -0.35
N ILE A 287 -11.01 26.39 -1.30
CA ILE A 287 -10.65 26.50 -2.70
C ILE A 287 -11.71 27.21 -3.51
N GLU A 288 -12.72 27.76 -2.83
CA GLU A 288 -13.83 28.36 -3.57
C GLU A 288 -13.45 29.66 -4.25
N ASN A 289 -12.40 30.31 -3.78
CA ASN A 289 -12.05 31.56 -4.39
C ASN A 289 -10.63 31.63 -4.88
N LEU A 290 -10.20 30.58 -5.56
CA LEU A 290 -8.83 30.55 -5.98
C LEU A 290 -8.71 31.04 -7.41
N PRO A 291 -7.60 31.73 -7.70
CA PRO A 291 -7.31 32.21 -9.03
C PRO A 291 -6.81 31.17 -10.10
N VAL A 292 -6.91 29.87 -9.81
CA VAL A 292 -6.30 28.92 -10.66
C VAL A 292 -7.18 28.75 -11.91
N ALA A 293 -6.62 28.09 -12.90
CA ALA A 293 -7.31 27.89 -14.18
C ALA A 293 -8.33 26.75 -14.20
N GLY A 294 -8.23 25.82 -13.28
CA GLY A 294 -9.17 24.73 -13.23
C GLY A 294 -8.89 23.76 -12.13
N PHE A 295 -9.75 22.76 -12.05
CA PHE A 295 -9.69 21.77 -10.98
C PHE A 295 -9.88 20.38 -11.55
N HIS A 296 -9.28 19.41 -10.87
CA HIS A 296 -9.54 18.00 -11.16
C HIS A 296 -10.09 17.33 -9.89
N PHE A 297 -11.16 16.55 -10.04
CA PHE A 297 -11.72 15.71 -8.95
C PHE A 297 -11.88 14.28 -9.37
N ASP A 298 -11.80 13.40 -8.37
CA ASP A 298 -11.95 11.95 -8.45
C ASP A 298 -13.38 11.56 -8.35
N PHE A 299 -14.01 11.32 -9.52
CA PHE A 299 -15.40 10.90 -9.53
C PHE A 299 -15.56 9.35 -9.66
N VAL A 300 -14.47 8.62 -9.58
CA VAL A 300 -14.51 7.18 -9.40
C VAL A 300 -14.73 6.87 -7.93
N ARG A 301 -13.91 7.44 -7.03
CA ARG A 301 -14.04 7.16 -5.58
C ARG A 301 -15.23 7.96 -5.03
N VAL A 302 -15.47 9.14 -5.57
CA VAL A 302 -16.54 10.00 -5.00
C VAL A 302 -17.34 10.69 -6.11
N PRO A 303 -18.13 9.91 -6.89
CA PRO A 303 -18.91 10.56 -7.91
C PRO A 303 -19.96 11.52 -7.37
N GLU A 304 -20.42 11.26 -6.15
CA GLU A 304 -21.54 12.07 -5.60
C GLU A 304 -21.10 13.51 -5.23
N GLN A 305 -19.80 13.80 -5.25
CA GLN A 305 -19.32 15.13 -4.94
C GLN A 305 -19.46 16.13 -6.11
N LEU A 306 -19.82 15.62 -7.29
CA LEU A 306 -19.88 16.45 -8.49
C LEU A 306 -20.73 17.69 -8.39
N ASP A 307 -21.96 17.57 -7.95
CA ASP A 307 -22.82 18.75 -7.96
C ASP A 307 -22.18 19.86 -7.13
N GLU A 308 -21.73 19.50 -5.91
CA GLU A 308 -21.21 20.51 -5.06
C GLU A 308 -19.89 21.08 -5.50
N VAL A 309 -18.99 20.23 -5.99
CA VAL A 309 -17.72 20.81 -6.39
C VAL A 309 -17.84 21.63 -7.65
N ALA A 310 -18.69 21.21 -8.58
CA ALA A 310 -18.92 21.98 -9.79
C ALA A 310 -19.48 23.35 -9.44
N SER A 311 -20.19 23.45 -8.31
CA SER A 311 -20.80 24.73 -7.94
C SER A 311 -19.82 25.83 -7.62
N ILE A 312 -18.58 25.51 -7.19
CA ILE A 312 -17.62 26.56 -6.92
C ILE A 312 -16.86 27.05 -8.13
N LEU A 313 -17.05 26.46 -9.31
CA LEU A 313 -16.25 26.83 -10.45
C LEU A 313 -16.66 28.20 -10.92
N LYS A 314 -15.67 29.03 -11.08
CA LYS A 314 -15.89 30.35 -11.68
C LYS A 314 -15.94 30.29 -13.23
N ASP A 315 -16.47 31.36 -13.81
CA ASP A 315 -16.50 31.55 -15.23
C ASP A 315 -15.03 31.50 -15.72
N GLY A 316 -14.75 30.66 -16.68
CA GLY A 316 -13.40 30.59 -17.16
C GLY A 316 -12.67 29.37 -16.59
N GLN A 317 -13.11 28.78 -15.47
CA GLN A 317 -12.37 27.61 -14.92
C GLN A 317 -12.81 26.31 -15.54
N THR A 318 -11.88 25.37 -15.72
CA THR A 318 -12.19 24.03 -16.26
C THR A 318 -12.33 22.97 -15.21
N LEU A 319 -13.11 21.96 -15.52
CA LEU A 319 -13.39 20.90 -14.62
C LEU A 319 -12.91 19.66 -15.23
N SER A 320 -11.87 19.11 -14.64
CA SER A 320 -11.36 17.80 -15.07
C SER A 320 -12.07 16.69 -14.27
N ALA A 321 -12.80 15.81 -14.97
CA ALA A 321 -13.68 14.79 -14.43
C ALA A 321 -12.93 13.47 -14.46
N GLY A 322 -12.41 13.08 -13.30
CA GLY A 322 -11.74 11.81 -13.14
C GLY A 322 -12.63 10.62 -13.11
N VAL A 323 -12.74 9.93 -14.26
CA VAL A 323 -13.72 8.91 -14.43
C VAL A 323 -13.20 7.56 -14.92
N VAL A 324 -11.88 7.45 -15.16
CA VAL A 324 -11.22 6.16 -15.43
C VAL A 324 -10.28 5.85 -14.25
N ASP A 325 -10.54 4.77 -13.53
CA ASP A 325 -9.87 4.51 -12.28
C ASP A 325 -8.41 4.34 -12.51
N GLY A 326 -7.61 5.02 -11.69
CA GLY A 326 -6.17 4.94 -11.84
C GLY A 326 -5.58 4.00 -10.83
N ARG A 327 -6.42 3.37 -9.98
CA ARG A 327 -5.88 2.41 -8.98
C ARG A 327 -6.48 1.00 -9.03
N ASN A 328 -7.18 0.67 -10.10
CA ASN A 328 -7.67 -0.71 -10.28
C ASN A 328 -7.70 -1.07 -11.74
N ILE A 329 -8.04 -2.32 -12.01
CA ILE A 329 -7.76 -2.97 -13.26
C ILE A 329 -8.96 -3.33 -14.09
N TRP A 330 -10.14 -2.84 -13.73
CA TRP A 330 -11.34 -3.16 -14.36
C TRP A 330 -11.56 -2.29 -15.57
N LYS A 331 -12.02 -2.92 -16.62
CA LYS A 331 -12.46 -2.20 -17.78
C LYS A 331 -13.52 -1.26 -17.31
N THR A 332 -13.43 -0.02 -17.78
CA THR A 332 -14.32 1.02 -17.39
C THR A 332 -15.69 0.83 -18.10
N ASP A 333 -16.80 0.96 -17.36
CA ASP A 333 -18.16 1.01 -18.01
C ASP A 333 -18.32 2.34 -18.76
N PHE A 334 -18.19 2.36 -20.09
CA PHE A 334 -18.21 3.66 -20.83
C PHE A 334 -19.56 4.41 -20.70
N ALA A 335 -20.64 3.64 -20.61
CA ALA A 335 -21.98 4.22 -20.51
C ALA A 335 -22.01 5.01 -19.22
N LYS A 336 -21.61 4.38 -18.11
CA LYS A 336 -21.59 5.08 -16.80
C LYS A 336 -20.62 6.22 -16.65
N ALA A 337 -19.40 6.04 -17.12
CA ALA A 337 -18.41 7.10 -17.09
C ALA A 337 -18.83 8.29 -17.95
N SER A 338 -19.39 8.03 -19.12
CA SER A 338 -19.85 9.12 -19.97
C SER A 338 -21.00 9.93 -19.34
N ALA A 339 -21.88 9.29 -18.63
CA ALA A 339 -22.94 9.95 -17.87
C ALA A 339 -22.44 10.93 -16.83
N VAL A 340 -21.35 10.55 -16.16
CA VAL A 340 -20.74 11.42 -15.17
C VAL A 340 -20.16 12.59 -15.87
N VAL A 341 -19.46 12.31 -16.98
CA VAL A 341 -18.90 13.45 -17.72
C VAL A 341 -20.02 14.40 -18.23
N GLN A 342 -21.13 13.79 -18.66
CA GLN A 342 -22.26 14.61 -19.13
C GLN A 342 -22.88 15.47 -18.01
N LYS A 343 -22.92 14.95 -16.79
CA LYS A 343 -23.38 15.74 -15.64
C LYS A 343 -22.48 16.94 -15.49
N ALA A 344 -21.16 16.78 -15.70
CA ALA A 344 -20.23 17.88 -15.56
C ALA A 344 -20.49 18.89 -16.68
N ILE A 345 -20.74 18.40 -17.86
CA ILE A 345 -20.87 19.31 -19.02
C ILE A 345 -22.09 20.19 -18.78
N GLU A 346 -23.11 19.58 -18.26
CA GLU A 346 -24.38 20.28 -17.91
C GLU A 346 -24.08 21.45 -16.98
N LYS A 347 -23.12 21.30 -16.08
CA LYS A 347 -22.84 22.32 -15.06
C LYS A 347 -22.02 23.44 -15.60
N VAL A 348 -20.97 23.15 -16.37
CA VAL A 348 -20.00 24.17 -16.75
C VAL A 348 -19.76 24.36 -18.21
N GLY A 349 -20.42 23.56 -19.04
CA GLY A 349 -20.21 23.63 -20.43
C GLY A 349 -19.17 22.69 -20.97
N LYS A 350 -19.44 22.25 -22.18
CA LYS A 350 -18.62 21.25 -22.82
C LYS A 350 -17.21 21.74 -23.10
N ASP A 351 -17.09 23.04 -23.32
CA ASP A 351 -15.83 23.72 -23.52
C ASP A 351 -14.86 23.68 -22.29
N LYS A 352 -15.43 23.49 -21.10
CA LYS A 352 -14.73 23.65 -19.85
C LYS A 352 -14.60 22.29 -19.15
N VAL A 353 -14.89 21.20 -19.85
CA VAL A 353 -14.76 19.86 -19.27
C VAL A 353 -13.70 19.00 -19.94
N VAL A 354 -12.99 18.18 -19.12
CA VAL A 354 -11.91 17.35 -19.60
C VAL A 354 -12.24 15.97 -19.04
N VAL A 355 -12.04 14.93 -19.84
CA VAL A 355 -12.25 13.55 -19.45
C VAL A 355 -10.84 13.06 -18.93
N ALA A 356 -10.74 12.59 -17.70
CA ALA A 356 -9.46 12.27 -17.14
C ALA A 356 -9.42 10.93 -16.44
N THR A 357 -8.19 10.42 -16.26
CA THR A 357 -7.98 9.39 -15.31
C THR A 357 -8.33 9.96 -13.90
N SER A 358 -8.80 9.12 -12.96
CA SER A 358 -9.19 9.65 -11.63
C SER A 358 -7.99 10.05 -10.79
N SER A 359 -6.90 9.33 -11.01
CA SER A 359 -5.59 9.64 -10.43
C SER A 359 -4.53 9.31 -11.47
N SER A 360 -3.26 9.45 -11.11
CA SER A 360 -2.16 8.88 -11.93
C SER A 360 -2.35 7.40 -12.17
N LEU A 361 -1.91 6.91 -13.33
CA LEU A 361 -1.93 5.48 -13.58
C LEU A 361 -0.69 4.74 -13.01
N LEU A 362 0.05 5.44 -12.18
CA LEU A 362 1.16 4.85 -11.38
C LEU A 362 0.71 3.63 -10.66
N HIS A 363 -0.56 3.63 -10.26
CA HIS A 363 -1.10 2.58 -9.41
C HIS A 363 -1.65 1.42 -10.16
N THR A 364 -1.44 1.40 -11.44
CA THR A 364 -1.96 0.27 -12.21
C THR A 364 -0.84 -0.37 -12.97
N PRO A 365 -0.98 -1.67 -13.36
CA PRO A 365 0.09 -2.27 -14.19
C PRO A 365 0.15 -1.66 -15.60
N VAL A 366 1.28 -1.91 -16.28
CA VAL A 366 1.53 -1.23 -17.52
C VAL A 366 0.65 -1.69 -18.69
N ASP A 367 0.51 -2.99 -18.94
CA ASP A 367 -0.14 -3.42 -20.19
C ASP A 367 -0.76 -4.79 -20.13
N LEU A 368 -2.04 -4.86 -20.38
CA LEU A 368 -2.80 -6.11 -20.30
C LEU A 368 -2.33 -7.09 -21.43
N GLU A 369 -1.87 -6.55 -22.55
CA GLU A 369 -1.44 -7.41 -23.70
C GLU A 369 -0.24 -8.26 -23.32
N SER A 370 0.50 -7.94 -22.23
CA SER A 370 1.55 -8.84 -21.72
C SER A 370 1.09 -10.12 -21.05
N GLU A 371 -0.18 -10.21 -20.69
CA GLU A 371 -0.74 -11.35 -20.04
C GLU A 371 -0.97 -12.55 -21.00
N THR A 372 -0.30 -13.68 -20.75
CA THR A 372 -0.39 -14.80 -21.71
C THR A 372 -1.13 -16.02 -21.19
N LYS A 373 -1.53 -16.05 -19.91
CA LYS A 373 -2.15 -17.20 -19.33
C LYS A 373 -3.61 -17.01 -18.99
N LEU A 374 -4.04 -15.77 -18.69
CA LEU A 374 -5.41 -15.48 -18.34
C LEU A 374 -6.30 -15.94 -19.43
N ASP A 375 -7.36 -16.63 -19.04
CA ASP A 375 -8.47 -16.95 -19.93
C ASP A 375 -9.04 -15.67 -20.54
N ALA A 376 -9.28 -15.69 -21.85
CA ALA A 376 -9.75 -14.51 -22.59
C ALA A 376 -11.10 -13.91 -22.10
N VAL A 377 -11.97 -14.75 -21.53
CA VAL A 377 -13.18 -14.32 -20.87
C VAL A 377 -12.89 -13.32 -19.73
N ILE A 378 -11.93 -13.66 -18.88
CA ILE A 378 -11.55 -12.82 -17.74
C ILE A 378 -10.80 -11.59 -18.23
N LYS A 379 -9.89 -11.82 -19.15
CA LYS A 379 -9.07 -10.76 -19.63
C LYS A 379 -9.92 -9.65 -20.24
N ASP A 380 -11.00 -10.03 -20.92
CA ASP A 380 -12.03 -9.11 -21.41
C ASP A 380 -12.63 -8.13 -20.38
N TRP A 381 -12.54 -8.46 -19.07
CA TRP A 381 -13.05 -7.59 -18.00
C TRP A 381 -12.06 -6.55 -17.51
N PHE A 382 -10.83 -6.65 -17.98
CA PHE A 382 -9.74 -5.84 -17.47
C PHE A 382 -9.27 -4.77 -18.51
N SER A 383 -8.64 -3.73 -17.96
CA SER A 383 -7.82 -2.72 -18.68
C SER A 383 -6.68 -2.31 -17.76
N PHE A 384 -5.44 -2.40 -18.24
CA PHE A 384 -4.32 -1.95 -17.47
C PHE A 384 -3.97 -0.53 -18.00
N ALA A 385 -2.82 0.00 -17.64
CA ALA A 385 -2.53 1.42 -17.93
C ALA A 385 -2.69 1.72 -19.40
N THR A 386 -2.01 0.91 -20.27
CA THR A 386 -2.04 1.15 -21.66
C THR A 386 -3.45 1.22 -22.22
N GLN A 387 -4.32 0.36 -21.74
CA GLN A 387 -5.71 0.28 -22.23
C GLN A 387 -6.59 1.44 -21.73
N LYS A 388 -6.26 1.95 -20.55
CA LYS A 388 -6.92 3.14 -19.96
C LYS A 388 -6.72 4.36 -20.80
N LEU A 389 -5.59 4.40 -21.56
CA LEU A 389 -5.34 5.47 -22.45
C LEU A 389 -6.43 5.47 -23.52
N ASP A 390 -6.78 4.30 -24.03
CA ASP A 390 -7.76 4.20 -25.05
C ASP A 390 -9.15 4.50 -24.52
N GLU A 391 -9.33 4.20 -23.23
CA GLU A 391 -10.62 4.49 -22.61
C GLU A 391 -10.93 5.98 -22.44
N VAL A 392 -9.99 6.78 -21.93
CA VAL A 392 -10.26 8.18 -21.76
C VAL A 392 -10.49 8.80 -23.15
N VAL A 393 -9.77 8.30 -24.15
CA VAL A 393 -9.95 8.80 -25.51
C VAL A 393 -11.36 8.51 -26.07
N VAL A 394 -11.87 7.26 -25.89
CA VAL A 394 -13.20 6.84 -26.39
C VAL A 394 -14.29 7.61 -25.67
N ILE A 395 -14.11 7.83 -24.35
CA ILE A 395 -15.13 8.52 -23.57
C ILE A 395 -15.17 10.00 -24.01
N ALA A 396 -14.01 10.62 -24.26
CA ALA A 396 -13.98 12.02 -24.75
C ALA A 396 -14.63 12.16 -26.14
N LYS A 397 -14.38 11.19 -27.01
CA LYS A 397 -15.01 11.17 -28.36
C LYS A 397 -16.52 11.02 -28.24
N ASN A 398 -16.94 10.11 -27.36
CA ASN A 398 -18.31 9.85 -27.15
C ASN A 398 -19.08 11.12 -26.77
N VAL A 399 -18.55 11.88 -25.80
CA VAL A 399 -19.29 13.04 -25.30
C VAL A 399 -19.12 14.20 -26.23
N SER A 400 -18.07 14.18 -27.07
CA SER A 400 -17.87 15.22 -28.05
C SER A 400 -18.81 14.98 -29.27
N GLY A 401 -19.47 13.83 -29.37
CA GLY A 401 -20.38 13.54 -30.50
C GLY A 401 -19.77 12.80 -31.70
N GLU A 402 -18.53 12.32 -31.55
CA GLU A 402 -17.91 11.49 -32.58
C GLU A 402 -18.54 10.14 -32.56
N ASP A 403 -18.57 9.46 -33.71
CA ASP A 403 -19.14 8.12 -33.74
C ASP A 403 -18.19 7.04 -33.19
N VAL A 404 -18.52 6.49 -32.03
CA VAL A 404 -17.68 5.46 -31.39
C VAL A 404 -18.61 4.33 -31.01
N SER A 405 -19.64 4.09 -31.85
CA SER A 405 -20.65 3.17 -31.48
C SER A 405 -20.05 1.76 -31.45
N LYS A 406 -19.07 1.43 -32.29
CA LYS A 406 -18.50 0.07 -32.29
C LYS A 406 -17.83 -0.18 -30.92
N GLN A 407 -17.08 0.81 -30.49
CA GLN A 407 -16.36 0.74 -29.22
C GLN A 407 -17.34 0.70 -28.05
N LEU A 408 -18.40 1.51 -28.04
CA LEU A 408 -19.41 1.45 -26.95
C LEU A 408 -20.08 0.10 -26.83
N GLU A 409 -20.34 -0.50 -27.99
CA GLU A 409 -21.07 -1.76 -27.99
C GLU A 409 -20.19 -2.87 -27.51
N ALA A 410 -18.97 -2.90 -27.95
CA ALA A 410 -18.03 -3.88 -27.47
C ALA A 410 -17.83 -3.72 -25.93
N ASN A 411 -17.75 -2.50 -25.46
CA ASN A 411 -17.64 -2.25 -24.03
C ASN A 411 -18.90 -2.69 -23.24
N ALA A 412 -20.08 -2.41 -23.76
CA ALA A 412 -21.29 -2.83 -23.10
C ALA A 412 -21.34 -4.39 -23.01
N ALA A 413 -20.93 -5.07 -24.06
CA ALA A 413 -20.81 -6.56 -24.09
C ALA A 413 -19.94 -7.08 -22.96
N SER A 414 -18.77 -6.45 -22.82
CA SER A 414 -17.79 -6.88 -21.82
C SER A 414 -18.32 -6.73 -20.44
N ILE A 415 -18.95 -5.60 -20.17
CA ILE A 415 -19.61 -5.32 -18.88
C ILE A 415 -20.73 -6.30 -18.52
N LYS A 416 -21.60 -6.60 -19.50
CA LYS A 416 -22.70 -7.54 -19.33
C LYS A 416 -22.17 -8.95 -19.05
N ALA A 417 -21.12 -9.35 -19.76
CA ALA A 417 -20.55 -10.68 -19.58
C ALA A 417 -19.99 -10.87 -18.21
N ARG A 418 -19.35 -9.81 -17.68
CA ARG A 418 -18.82 -9.90 -16.33
C ARG A 418 -19.97 -10.04 -15.34
N SER A 419 -20.96 -9.15 -15.41
CA SER A 419 -22.02 -9.14 -14.39
C SER A 419 -22.90 -10.41 -14.42
N GLU A 420 -22.93 -11.09 -15.55
CA GLU A 420 -23.64 -12.35 -15.72
C GLU A 420 -22.89 -13.62 -15.40
N SER A 421 -21.59 -13.53 -15.21
CA SER A 421 -20.81 -14.74 -15.18
C SER A 421 -21.00 -15.47 -13.83
N SER A 422 -20.79 -16.79 -13.83
CA SER A 422 -20.87 -17.61 -12.59
C SER A 422 -19.67 -17.32 -11.64
N ILE A 423 -18.52 -16.95 -12.21
CA ILE A 423 -17.35 -16.50 -11.45
C ILE A 423 -17.72 -15.37 -10.53
N THR A 424 -18.54 -14.45 -11.04
CA THR A 424 -18.89 -13.27 -10.31
C THR A 424 -19.81 -13.59 -9.15
N ASN A 425 -20.91 -14.34 -9.37
CA ASN A 425 -21.83 -14.74 -8.27
C ASN A 425 -21.99 -16.25 -7.99
N ASP A 426 -21.53 -16.68 -6.82
CA ASP A 426 -21.49 -18.05 -6.41
C ASP A 426 -22.63 -18.09 -5.37
N PRO A 427 -23.76 -18.74 -5.71
CA PRO A 427 -24.85 -18.86 -4.74
C PRO A 427 -24.47 -19.42 -3.37
N LYS A 428 -23.51 -20.35 -3.31
CA LYS A 428 -23.13 -20.91 -2.04
C LYS A 428 -22.56 -19.84 -1.09
N VAL A 429 -21.73 -18.97 -1.66
CA VAL A 429 -21.05 -17.92 -0.90
C VAL A 429 -22.10 -16.87 -0.54
N GLN A 430 -22.94 -16.55 -1.47
CA GLN A 430 -24.03 -15.61 -1.20
C GLN A 430 -24.93 -16.11 -0.04
N GLU A 431 -25.29 -17.39 -0.02
CA GLU A 431 -26.03 -17.91 1.17
C GLU A 431 -25.19 -17.83 2.45
N ARG A 432 -23.91 -18.22 2.35
CA ARG A 432 -23.15 -18.21 3.53
C ARG A 432 -23.00 -16.79 4.12
N LEU A 433 -22.91 -15.77 3.27
CA LEU A 433 -22.86 -14.43 3.77
C LEU A 433 -24.07 -14.07 4.64
N THR A 434 -25.21 -14.71 4.37
CA THR A 434 -26.41 -14.44 5.15
C THR A 434 -26.33 -15.01 6.57
N THR A 435 -25.30 -15.82 6.89
CA THR A 435 -25.10 -16.30 8.25
C THR A 435 -24.28 -15.35 9.14
N ILE A 436 -23.73 -14.34 8.52
CA ILE A 436 -22.89 -13.43 9.30
C ILE A 436 -23.69 -12.64 10.33
N ASN A 437 -23.21 -12.66 11.56
CA ASN A 437 -23.67 -11.74 12.58
C ASN A 437 -22.78 -11.80 13.85
N GLU A 438 -23.12 -10.93 14.81
CA GLU A 438 -22.52 -10.86 16.13
C GLU A 438 -22.17 -12.21 16.68
N ALA A 439 -23.09 -13.15 16.64
CA ALA A 439 -22.78 -14.46 17.22
C ALA A 439 -21.66 -15.21 16.52
N LEU A 440 -21.65 -15.14 15.21
CA LEU A 440 -20.66 -15.87 14.43
C LEU A 440 -19.27 -15.27 14.69
N ALA A 441 -19.27 -14.03 15.14
CA ALA A 441 -18.10 -13.27 15.42
C ALA A 441 -17.81 -13.11 16.91
N THR A 442 -18.22 -14.08 17.73
CA THR A 442 -17.95 -14.05 19.15
C THR A 442 -17.49 -15.42 19.53
N ARG A 443 -16.45 -15.48 20.38
CA ARG A 443 -15.96 -16.72 20.96
C ARG A 443 -16.97 -17.27 21.92
N LYS A 444 -16.86 -18.57 22.18
CA LYS A 444 -17.74 -19.30 23.11
C LYS A 444 -17.75 -18.76 24.55
N ALA A 445 -16.62 -18.22 24.99
CA ALA A 445 -16.45 -17.68 26.32
C ALA A 445 -15.56 -16.49 26.19
N ALA A 446 -15.72 -15.56 27.12
CA ALA A 446 -14.86 -14.43 27.26
C ALA A 446 -13.51 -14.91 27.76
N PHE A 447 -12.53 -14.04 27.60
CA PHE A 447 -11.14 -14.39 27.75
C PHE A 447 -10.76 -14.98 29.11
N PRO A 448 -11.41 -14.48 30.18
CA PRO A 448 -11.07 -15.02 31.47
C PRO A 448 -11.34 -16.52 31.63
N GLU A 449 -12.50 -17.00 31.19
CA GLU A 449 -12.79 -18.39 31.21
C GLU A 449 -11.84 -19.06 30.22
N ARG A 450 -11.63 -18.44 29.06
CA ARG A 450 -10.69 -19.10 28.08
C ARG A 450 -9.30 -19.26 28.66
N LEU A 451 -8.81 -18.26 29.35
CA LEU A 451 -7.45 -18.38 29.91
C LEU A 451 -7.27 -19.58 30.85
N THR A 452 -8.27 -19.80 31.70
CA THR A 452 -8.26 -20.93 32.57
C THR A 452 -8.05 -22.24 31.80
N GLU A 453 -8.80 -22.39 30.71
CA GLU A 453 -8.73 -23.59 29.90
C GLU A 453 -7.40 -23.67 29.13
N GLN A 454 -6.88 -22.57 28.66
CA GLN A 454 -5.57 -22.55 28.02
C GLN A 454 -4.40 -22.85 28.97
N LYS A 455 -4.41 -22.23 30.16
CA LYS A 455 -3.46 -22.59 31.22
C LYS A 455 -3.43 -24.08 31.50
N ALA A 456 -4.60 -24.69 31.60
CA ALA A 456 -4.66 -26.16 31.83
C ALA A 456 -4.01 -26.88 30.67
N LYS A 457 -4.31 -26.45 29.45
CA LYS A 457 -3.83 -27.21 28.34
C LYS A 457 -2.35 -27.05 28.04
N TYR A 458 -1.78 -25.85 28.05
CA TYR A 458 -0.43 -25.65 27.56
C TYR A 458 0.56 -25.56 28.74
N ASN A 459 0.06 -25.08 29.87
CA ASN A 459 0.88 -24.72 31.05
C ASN A 459 2.12 -23.94 30.73
N LEU A 460 1.94 -22.88 29.96
CA LEU A 460 3.03 -22.03 29.57
C LEU A 460 3.54 -21.30 30.81
N PRO A 461 4.85 -21.15 30.91
CA PRO A 461 5.45 -20.50 32.08
C PRO A 461 5.26 -19.03 31.93
N LEU A 462 5.71 -18.27 32.91
CA LEU A 462 5.63 -16.85 32.85
C LEU A 462 6.65 -16.37 31.84
N PHE A 463 6.42 -15.23 31.21
CA PHE A 463 7.32 -14.72 30.16
C PHE A 463 7.58 -15.81 29.14
N PRO A 464 6.49 -16.34 28.55
CA PRO A 464 6.62 -17.32 27.50
C PRO A 464 7.28 -16.66 26.32
N THR A 465 8.13 -17.41 25.64
CA THR A 465 8.89 -16.87 24.50
C THR A 465 8.31 -17.43 23.21
N THR A 466 8.18 -16.57 22.25
CA THR A 466 7.81 -17.04 20.93
C THR A 466 8.43 -16.17 19.83
N THR A 467 8.20 -16.52 18.56
CA THR A 467 8.61 -15.64 17.47
C THR A 467 7.40 -15.51 16.54
N ILE A 468 7.55 -14.68 15.50
CA ILE A 468 6.39 -14.24 14.68
C ILE A 468 6.13 -15.07 13.44
N GLY A 469 7.10 -15.86 12.98
CA GLY A 469 6.80 -16.92 12.00
C GLY A 469 7.92 -17.30 11.06
N SER A 470 8.53 -16.31 10.43
CA SER A 470 9.46 -16.60 9.37
C SER A 470 10.92 -16.69 9.88
N PHE A 471 11.69 -17.56 9.22
CA PHE A 471 13.12 -17.70 9.49
C PHE A 471 13.96 -17.66 8.19
N PRO A 472 15.28 -17.43 8.32
CA PRO A 472 16.19 -17.36 7.17
C PRO A 472 16.07 -18.55 6.21
N ILE A 477 15.41 -22.45 -1.26
CA ILE A 477 14.58 -21.57 -2.06
C ILE A 477 14.32 -22.13 -3.50
N ARG A 478 14.80 -21.39 -4.51
CA ARG A 478 14.15 -21.37 -5.83
C ARG A 478 14.22 -22.70 -6.67
N ILE A 479 15.40 -23.37 -6.73
CA ILE A 479 15.67 -24.47 -7.70
C ILE A 479 14.71 -25.68 -7.61
N ASN A 480 14.48 -26.15 -6.38
CA ASN A 480 13.54 -27.24 -6.19
C ASN A 480 12.10 -26.79 -6.50
N ARG A 481 11.70 -25.61 -6.02
CA ARG A 481 10.46 -24.96 -6.47
C ARG A 481 10.35 -24.98 -8.02
N ASN A 482 11.41 -24.50 -8.66
CA ASN A 482 11.45 -24.35 -10.09
C ASN A 482 11.29 -25.67 -10.84
N LYS A 483 12.05 -26.69 -10.40
CA LYS A 483 12.05 -28.02 -11.05
C LYS A 483 10.78 -28.83 -10.71
N PHE A 484 10.22 -28.63 -9.51
CA PHE A 484 8.88 -29.16 -9.14
C PHE A 484 7.78 -28.63 -10.11
N ALA A 485 7.83 -27.31 -10.35
CA ALA A 485 6.96 -26.58 -11.30
C ALA A 485 7.02 -27.07 -12.77
N LYS A 486 8.11 -27.76 -13.16
CA LYS A 486 8.28 -28.30 -14.51
C LYS A 486 8.02 -29.83 -14.55
N GLY A 487 7.83 -30.44 -13.39
CA GLY A 487 7.82 -31.92 -13.27
C GLY A 487 9.19 -32.62 -13.22
N GLN A 488 10.30 -31.87 -13.08
CA GLN A 488 11.66 -32.46 -12.91
C GLN A 488 11.89 -33.21 -11.54
N ILE A 489 11.07 -32.92 -10.52
CA ILE A 489 11.17 -33.59 -9.20
C ILE A 489 9.78 -33.99 -8.71
N THR A 490 9.68 -35.07 -7.94
CA THR A 490 8.37 -35.51 -7.42
C THR A 490 7.71 -34.42 -6.52
N ALA A 491 6.38 -34.50 -6.39
CA ALA A 491 5.69 -33.89 -5.25
C ALA A 491 6.40 -34.42 -4.01
N GLU A 492 6.53 -35.75 -3.96
CA GLU A 492 7.34 -36.46 -2.97
C GLU A 492 8.74 -35.86 -2.75
N GLU A 493 9.44 -35.47 -3.82
CA GLU A 493 10.83 -34.99 -3.71
C GLU A 493 10.88 -33.61 -3.09
N TYR A 494 9.92 -32.75 -3.48
CA TYR A 494 9.87 -31.37 -3.03
C TYR A 494 9.42 -31.28 -1.55
N GLU A 495 8.42 -32.06 -1.20
CA GLU A 495 7.91 -32.13 0.19
C GLU A 495 9.05 -32.50 1.15
N ALA A 496 9.97 -33.39 0.75
CA ALA A 496 11.17 -33.70 1.56
C ALA A 496 12.06 -32.50 1.92
N PHE A 497 12.38 -31.59 0.97
CA PHE A 497 13.22 -30.39 1.28
C PHE A 497 12.50 -29.36 2.17
N ILE A 498 11.21 -29.16 1.89
CA ILE A 498 10.40 -28.24 2.73
C ILE A 498 10.47 -28.81 4.16
N ASN A 499 10.23 -30.10 4.28
CA ASN A 499 10.26 -30.75 5.62
C ASN A 499 11.59 -30.73 6.31
N LYS A 500 12.67 -30.91 5.56
CA LYS A 500 13.98 -30.79 6.20
C LYS A 500 14.18 -29.38 6.76
N GLU A 501 13.76 -28.37 5.98
CA GLU A 501 13.89 -26.99 6.44
C GLU A 501 12.99 -26.72 7.63
N ILE A 502 11.77 -27.21 7.57
CA ILE A 502 10.91 -27.14 8.78
C ILE A 502 11.61 -27.78 9.99
N GLU A 503 12.06 -29.01 9.81
CA GLU A 503 12.80 -29.70 10.88
C GLU A 503 13.97 -28.89 11.41
N THR A 504 14.78 -28.34 10.50
CA THR A 504 15.92 -27.57 10.95
C THR A 504 15.48 -26.46 11.86
N VAL A 505 14.51 -25.66 11.40
CA VAL A 505 13.98 -24.54 12.18
C VAL A 505 13.38 -24.95 13.54
N VAL A 506 12.63 -26.03 13.57
CA VAL A 506 11.99 -26.46 14.81
C VAL A 506 13.04 -26.91 15.86
N ARG A 507 14.07 -27.60 15.39
CA ARG A 507 15.12 -28.10 16.30
C ARG A 507 15.88 -26.90 16.81
N PHE A 508 16.23 -26.01 15.92
CA PHE A 508 16.78 -24.76 16.38
C PHE A 508 16.02 -24.14 17.55
N GLN A 509 14.72 -23.90 17.38
CA GLN A 509 13.98 -23.17 18.40
C GLN A 509 13.85 -23.97 19.70
N GLU A 510 13.70 -25.29 19.57
CA GLU A 510 13.81 -26.17 20.74
C GLU A 510 15.15 -26.00 21.44
N GLU A 511 16.22 -26.11 20.66
CA GLU A 511 17.57 -26.02 21.21
C GLU A 511 17.71 -24.79 22.09
N ILE A 512 17.20 -23.65 21.64
CA ILE A 512 17.44 -22.43 22.37
C ILE A 512 16.36 -22.09 23.37
N GLY A 513 15.42 -23.01 23.53
CA GLY A 513 14.39 -22.96 24.54
C GLY A 513 13.18 -22.04 24.30
N LEU A 514 12.77 -21.81 23.05
CA LEU A 514 11.49 -21.08 22.81
C LEU A 514 10.29 -21.91 23.30
N ASP A 515 9.25 -21.25 23.78
CA ASP A 515 8.10 -21.95 24.40
C ASP A 515 6.97 -22.28 23.43
N VAL A 516 6.72 -21.37 22.50
CA VAL A 516 5.72 -21.55 21.42
C VAL A 516 6.38 -21.32 20.08
N LEU A 517 6.40 -22.35 19.26
CA LEU A 517 7.26 -22.43 18.13
C LEU A 517 6.52 -22.08 16.82
N VAL A 518 7.30 -21.79 15.77
CA VAL A 518 6.80 -21.64 14.41
C VAL A 518 7.44 -22.63 13.43
N HIS A 519 6.88 -22.78 12.25
CA HIS A 519 7.48 -23.71 11.31
C HIS A 519 8.43 -23.04 10.37
N GLY A 520 8.52 -21.72 10.42
CA GLY A 520 9.40 -20.94 9.58
C GLY A 520 8.89 -20.44 8.23
N GLU A 521 7.80 -21.05 7.72
CA GLU A 521 7.14 -20.68 6.44
C GLU A 521 8.03 -20.80 5.20
N PRO A 522 8.90 -21.83 5.15
CA PRO A 522 9.71 -21.91 3.94
C PRO A 522 8.93 -22.23 2.67
N GLU A 523 7.77 -22.86 2.79
CA GLU A 523 6.97 -23.19 1.61
C GLU A 523 6.26 -21.96 1.02
N ARG A 524 6.35 -20.80 1.67
CA ARG A 524 5.56 -19.64 1.21
C ARG A 524 6.43 -18.57 0.55
N ASN A 525 5.95 -18.06 -0.57
CA ASN A 525 6.61 -17.02 -1.36
C ASN A 525 6.30 -15.59 -0.85
N ASP A 526 5.08 -15.38 -0.38
CA ASP A 526 4.57 -14.03 -0.07
C ASP A 526 3.29 -14.27 0.74
N MET A 527 2.91 -13.32 1.57
CA MET A 527 1.85 -13.61 2.50
C MET A 527 0.43 -13.44 1.95
N VAL A 528 0.29 -12.95 0.73
CA VAL A 528 -1.04 -12.88 0.08
C VAL A 528 -1.26 -13.87 -1.05
N GLN A 529 -0.33 -13.95 -1.99
CA GLN A 529 -0.50 -14.84 -3.11
C GLN A 529 -0.59 -16.31 -2.64
N TYR A 530 0.13 -16.63 -1.60
CA TYR A 530 0.17 -18.00 -1.13
C TYR A 530 -1.27 -18.49 -0.79
N PHE A 531 -2.11 -17.56 -0.30
CA PHE A 531 -3.51 -17.83 0.00
C PHE A 531 -4.39 -17.65 -1.20
N GLY A 532 -4.20 -16.54 -1.92
CA GLY A 532 -5.06 -16.25 -3.04
C GLY A 532 -5.01 -17.36 -4.10
N GLU A 533 -3.82 -17.93 -4.31
CA GLU A 533 -3.64 -19.04 -5.25
C GLU A 533 -4.44 -20.26 -4.81
N GLN A 534 -4.77 -20.34 -3.54
CA GLN A 534 -5.60 -21.49 -3.04
C GLN A 534 -7.08 -21.19 -2.74
N LEU A 535 -7.54 -20.04 -3.21
CA LEU A 535 -8.91 -19.61 -3.04
C LEU A 535 -9.52 -19.47 -4.40
N ASN A 536 -10.76 -19.89 -4.48
CA ASN A 536 -11.63 -19.52 -5.54
C ASN A 536 -11.94 -18.05 -5.47
N GLY A 537 -12.13 -17.48 -6.66
CA GLY A 537 -12.51 -16.10 -6.87
C GLY A 537 -11.36 -15.17 -7.17
N PHE A 538 -10.18 -15.72 -7.34
CA PHE A 538 -8.97 -14.93 -7.63
C PHE A 538 -8.46 -15.19 -9.05
N ALA A 539 -7.82 -14.21 -9.65
CA ALA A 539 -7.04 -14.38 -10.90
C ALA A 539 -5.67 -13.82 -10.68
N PHE A 540 -4.68 -14.33 -11.42
CA PHE A 540 -3.28 -13.94 -11.23
C PHE A 540 -2.72 -13.54 -12.58
N THR A 541 -1.81 -12.58 -12.57
CA THR A 541 -1.14 -12.05 -13.76
C THR A 541 0.23 -12.67 -13.87
N THR A 542 0.77 -12.69 -15.08
CA THR A 542 2.18 -12.94 -15.28
C THR A 542 3.04 -11.70 -15.14
N ASN A 543 2.50 -10.57 -15.55
CA ASN A 543 3.28 -9.37 -15.70
C ASN A 543 2.62 -8.09 -15.10
N GLY A 544 1.65 -8.28 -14.19
CA GLY A 544 0.84 -7.15 -13.67
C GLY A 544 1.53 -6.47 -12.54
N TRP A 545 2.74 -5.96 -12.81
CA TRP A 545 3.60 -5.38 -11.79
C TRP A 545 3.16 -3.89 -11.56
N VAL A 546 3.23 -3.46 -10.31
CA VAL A 546 2.98 -2.09 -9.89
C VAL A 546 4.02 -1.69 -8.90
N GLN A 547 4.56 -0.50 -9.02
CA GLN A 547 5.58 -0.04 -8.13
C GLN A 547 5.06 0.12 -6.72
N SER A 548 5.80 -0.40 -5.73
CA SER A 548 5.41 -0.24 -4.34
C SER A 548 6.27 0.82 -3.71
N TYR A 549 7.59 0.69 -3.83
CA TYR A 549 8.53 1.74 -3.48
C TYR A 549 9.89 1.50 -4.16
N GLY A 550 10.50 2.57 -4.59
CA GLY A 550 11.76 2.50 -5.33
C GLY A 550 11.69 1.48 -6.46
N SER A 551 12.63 0.53 -6.41
CA SER A 551 12.62 -0.55 -7.38
C SER A 551 11.91 -1.81 -6.97
N ARG A 552 11.29 -1.78 -5.78
CA ARG A 552 10.48 -2.89 -5.32
C ARG A 552 9.06 -2.86 -5.85
N TYR A 553 8.66 -3.86 -6.65
CA TYR A 553 7.37 -3.86 -7.33
C TYR A 553 6.59 -5.03 -6.79
N VAL A 554 5.28 -4.96 -6.82
CA VAL A 554 4.43 -6.02 -6.39
C VAL A 554 3.57 -6.43 -7.57
N ARG A 555 3.09 -7.68 -7.57
CA ARG A 555 2.19 -8.15 -8.61
C ARG A 555 0.98 -8.59 -7.87
N PRO A 556 0.04 -7.69 -7.65
CA PRO A 556 -1.08 -8.13 -6.78
C PRO A 556 -1.98 -9.19 -7.40
N PRO A 557 -2.52 -10.09 -6.54
CA PRO A 557 -3.66 -10.85 -6.98
C PRO A 557 -4.80 -9.97 -7.33
N ILE A 558 -5.72 -10.51 -8.13
CA ILE A 558 -6.95 -9.88 -8.49
C ILE A 558 -8.13 -10.68 -7.94
N ILE A 559 -8.99 -10.01 -7.19
CA ILE A 559 -10.26 -10.62 -6.80
C ILE A 559 -11.25 -10.42 -7.91
N VAL A 560 -11.63 -11.51 -8.53
CA VAL A 560 -12.56 -11.43 -9.68
C VAL A 560 -13.96 -11.78 -9.39
N GLY A 561 -14.15 -12.52 -8.32
CA GLY A 561 -15.43 -13.03 -8.02
C GLY A 561 -15.62 -13.46 -6.58
N ASP A 562 -16.77 -14.07 -6.30
CA ASP A 562 -17.01 -14.59 -4.96
C ASP A 562 -15.96 -15.56 -4.47
N VAL A 563 -15.43 -15.32 -3.28
CA VAL A 563 -14.33 -16.08 -2.74
C VAL A 563 -14.85 -17.20 -1.86
N SER A 564 -14.18 -18.34 -2.00
CA SER A 564 -14.38 -19.52 -1.14
C SER A 564 -13.04 -20.28 -1.11
N ARG A 565 -12.93 -21.21 -0.17
CA ARG A 565 -11.77 -22.03 0.01
C ARG A 565 -12.08 -23.50 -0.37
N PRO A 566 -11.50 -24.01 -1.46
CA PRO A 566 -11.87 -25.43 -1.79
C PRO A 566 -11.29 -26.52 -0.90
N LYS A 567 -10.10 -26.33 -0.33
CA LYS A 567 -9.49 -27.38 0.47
C LYS A 567 -8.43 -26.73 1.39
N ALA A 568 -7.87 -27.54 2.28
CA ALA A 568 -6.88 -27.07 3.25
C ALA A 568 -5.75 -26.33 2.56
N MET A 569 -5.29 -25.21 3.12
CA MET A 569 -4.26 -24.35 2.49
C MET A 569 -2.95 -24.51 3.16
N THR A 570 -2.98 -24.74 4.48
CA THR A 570 -1.72 -24.67 5.32
C THR A 570 -1.53 -25.85 6.23
N VAL A 571 -2.50 -26.76 6.25
CA VAL A 571 -2.60 -27.78 7.29
C VAL A 571 -1.41 -28.74 7.23
N LYS A 572 -1.06 -29.16 6.02
CA LYS A 572 -0.08 -30.20 5.86
C LYS A 572 1.23 -29.83 6.57
N GLU A 573 1.74 -28.63 6.26
CA GLU A 573 3.01 -28.18 6.81
C GLU A 573 2.94 -27.89 8.30
N SER A 574 1.84 -27.34 8.79
CA SER A 574 1.76 -27.13 10.22
C SER A 574 1.73 -28.47 10.94
N VAL A 575 1.01 -29.43 10.37
CA VAL A 575 0.88 -30.74 11.04
C VAL A 575 2.24 -31.44 11.10
N TYR A 576 2.90 -31.47 9.97
CA TYR A 576 4.26 -31.93 9.96
C TYR A 576 5.08 -31.24 11.07
N ALA A 577 5.06 -29.92 11.12
CA ALA A 577 5.87 -29.17 12.09
C ALA A 577 5.52 -29.50 13.55
N GLN A 578 4.23 -29.67 13.83
CA GLN A 578 3.80 -30.06 15.16
C GLN A 578 4.22 -31.55 15.46
N SER A 579 4.30 -32.40 14.44
CA SER A 579 4.53 -33.86 14.69
C SER A 579 5.94 -34.12 15.20
N ILE A 580 6.86 -33.16 15.01
CA ILE A 580 8.28 -33.32 15.38
C ILE A 580 8.73 -32.54 16.63
N THR A 581 7.78 -31.91 17.34
CA THR A 581 8.07 -31.31 18.62
C THR A 581 6.89 -31.46 19.55
N SER A 582 7.18 -31.53 20.85
CA SER A 582 6.12 -31.50 21.84
C SER A 582 5.80 -30.06 22.29
N LYS A 583 6.52 -29.07 21.75
CA LYS A 583 6.18 -27.71 22.05
C LYS A 583 4.89 -27.37 21.23
N PRO A 584 4.09 -26.44 21.69
CA PRO A 584 2.98 -25.97 20.81
C PRO A 584 3.50 -25.24 19.57
N MET A 585 2.95 -25.64 18.39
CA MET A 585 3.23 -25.07 17.09
C MET A 585 2.15 -24.09 16.62
N LYS A 586 2.56 -22.88 16.24
CA LYS A 586 1.59 -21.87 15.76
C LYS A 586 1.24 -22.22 14.35
N GLY A 587 -0.06 -22.33 14.09
CA GLY A 587 -0.61 -22.17 12.75
C GLY A 587 -0.39 -20.70 12.33
N MET A 588 -0.39 -20.44 11.04
CA MET A 588 -0.01 -19.16 10.50
C MET A 588 -0.83 -18.79 9.26
N LEU A 589 -1.59 -17.69 9.39
CA LEU A 589 -2.49 -17.27 8.36
C LEU A 589 -2.41 -15.79 8.17
N THR A 590 -2.70 -15.35 6.96
CA THR A 590 -2.90 -13.91 6.69
C THR A 590 -4.35 -13.60 6.83
N GLY A 591 -4.70 -12.45 7.44
CA GLY A 591 -6.07 -12.13 7.70
C GLY A 591 -6.83 -11.64 6.48
N PRO A 592 -8.12 -11.52 6.60
CA PRO A 592 -8.98 -11.18 5.48
C PRO A 592 -8.74 -9.78 4.96
N VAL A 593 -8.52 -8.84 5.86
CA VAL A 593 -8.41 -7.47 5.41
C VAL A 593 -7.11 -7.25 4.57
N THR A 594 -6.02 -7.82 5.04
CA THR A 594 -4.73 -7.81 4.40
C THR A 594 -4.83 -8.47 3.02
N ILE A 595 -5.48 -9.61 2.94
CA ILE A 595 -5.65 -10.23 1.61
C ILE A 595 -6.42 -9.28 0.70
N LEU A 596 -7.46 -8.65 1.21
CA LEU A 596 -8.19 -7.71 0.39
C LEU A 596 -7.32 -6.48 -0.01
N ARG A 597 -6.65 -5.87 0.96
CA ARG A 597 -6.02 -4.62 0.73
C ARG A 597 -4.78 -4.80 -0.17
N TRP A 598 -4.15 -5.96 -0.12
CA TRP A 598 -2.95 -6.23 -0.93
C TRP A 598 -3.28 -6.89 -2.27
N SER A 599 -4.58 -6.96 -2.59
CA SER A 599 -5.07 -7.46 -3.88
C SER A 599 -5.74 -6.27 -4.58
N PHE A 600 -5.95 -6.40 -5.90
CA PHE A 600 -6.90 -5.54 -6.63
C PHE A 600 -8.29 -6.08 -6.31
N PRO A 601 -9.13 -5.23 -5.70
CA PRO A 601 -10.41 -5.68 -5.31
C PRO A 601 -11.40 -5.65 -6.45
N ARG A 602 -12.56 -6.25 -6.27
CA ARG A 602 -13.64 -6.09 -7.21
C ARG A 602 -14.19 -4.67 -7.03
N ASP A 603 -14.66 -4.10 -8.10
CA ASP A 603 -15.33 -2.78 -8.07
C ASP A 603 -16.82 -2.87 -8.21
N ASP A 604 -17.40 -4.07 -8.12
CA ASP A 604 -18.85 -4.23 -8.23
C ASP A 604 -19.50 -4.56 -6.91
N VAL A 605 -18.73 -4.90 -5.89
CA VAL A 605 -19.23 -5.19 -4.54
C VAL A 605 -18.34 -4.47 -3.59
N SER A 606 -18.85 -4.23 -2.38
CA SER A 606 -18.11 -3.43 -1.39
C SER A 606 -16.86 -4.15 -0.92
N GLY A 607 -15.87 -3.38 -0.44
CA GLY A 607 -14.76 -3.90 0.41
C GLY A 607 -15.25 -4.84 1.51
N LYS A 608 -16.22 -4.37 2.29
CA LYS A 608 -16.81 -5.16 3.37
C LYS A 608 -17.22 -6.56 2.94
N ILE A 609 -17.95 -6.66 1.83
CA ILE A 609 -18.42 -7.95 1.40
C ILE A 609 -17.30 -8.86 1.03
N GLN A 610 -16.31 -8.32 0.35
CA GLN A 610 -15.14 -9.10 0.08
C GLN A 610 -14.34 -9.61 1.28
N ALA A 611 -14.20 -8.74 2.27
CA ALA A 611 -13.52 -9.12 3.50
C ALA A 611 -14.29 -10.19 4.28
N LEU A 612 -15.58 -10.04 4.33
CA LEU A 612 -16.44 -11.06 5.01
C LEU A 612 -16.33 -12.43 4.33
N GLN A 613 -16.36 -12.49 3.00
CA GLN A 613 -16.22 -13.76 2.24
C GLN A 613 -14.86 -14.35 2.59
N LEU A 614 -13.83 -13.50 2.61
CA LEU A 614 -12.46 -13.93 3.00
C LEU A 614 -12.43 -14.45 4.45
N GLY A 615 -13.10 -13.74 5.36
CA GLY A 615 -13.27 -14.20 6.78
C GLY A 615 -13.91 -15.57 6.87
N LEU A 616 -14.96 -15.79 6.10
CA LEU A 616 -15.56 -17.12 6.03
C LEU A 616 -14.68 -18.22 5.49
N ALA A 617 -13.91 -17.92 4.45
CA ALA A 617 -12.96 -18.88 3.89
C ALA A 617 -11.92 -19.22 4.88
N LEU A 618 -11.39 -18.23 5.60
CA LEU A 618 -10.34 -18.45 6.55
C LEU A 618 -10.90 -19.18 7.79
N ARG A 619 -12.19 -18.94 8.09
CA ARG A 619 -12.85 -19.70 9.21
C ARG A 619 -12.71 -21.22 8.99
N ASP A 620 -12.92 -21.67 7.78
CA ASP A 620 -12.80 -23.06 7.42
C ASP A 620 -11.36 -23.57 7.61
N GLU A 621 -10.38 -22.74 7.21
CA GLU A 621 -9.00 -23.04 7.47
C GLU A 621 -8.65 -23.18 8.92
N VAL A 622 -9.11 -22.21 9.72
CA VAL A 622 -8.93 -22.28 11.14
C VAL A 622 -9.55 -23.55 11.72
N ASN A 623 -10.72 -23.89 11.24
CA ASN A 623 -11.44 -25.09 11.74
C ASN A 623 -10.64 -26.34 11.42
N ASP A 624 -10.10 -26.44 10.20
CA ASP A 624 -9.25 -27.54 9.77
C ASP A 624 -7.93 -27.68 10.58
N LEU A 625 -7.30 -26.55 10.87
CA LEU A 625 -6.06 -26.50 11.69
C LEU A 625 -6.39 -27.01 13.04
N GLU A 626 -7.40 -26.42 13.71
CA GLU A 626 -7.78 -26.88 15.01
C GLU A 626 -8.14 -28.39 15.04
N GLY A 627 -8.93 -28.86 14.09
CA GLY A 627 -9.26 -30.29 14.06
C GLY A 627 -8.07 -31.17 13.95
N ALA A 628 -7.07 -30.74 13.24
CA ALA A 628 -5.89 -31.52 13.02
C ALA A 628 -4.85 -31.40 14.21
N GLY A 629 -5.22 -30.67 15.27
CA GLY A 629 -4.33 -30.57 16.39
C GLY A 629 -3.49 -29.33 16.46
N ILE A 630 -3.69 -28.41 15.53
CA ILE A 630 -2.96 -27.15 15.51
C ILE A 630 -3.88 -26.19 16.22
N THR A 631 -3.69 -26.05 17.53
CA THR A 631 -4.65 -25.33 18.36
C THR A 631 -4.07 -24.07 18.92
N VAL A 632 -2.95 -23.68 18.38
CA VAL A 632 -2.42 -22.32 18.54
C VAL A 632 -2.30 -21.79 17.16
N ILE A 633 -3.00 -20.69 16.86
CA ILE A 633 -3.07 -20.18 15.46
C ILE A 633 -2.92 -18.68 15.44
N GLN A 634 -1.93 -18.23 14.70
CA GLN A 634 -1.71 -16.79 14.57
C GLN A 634 -2.30 -16.28 13.25
N VAL A 635 -3.02 -15.15 13.32
CA VAL A 635 -3.56 -14.50 12.17
C VAL A 635 -2.95 -13.09 12.07
N ASP A 636 -2.26 -12.81 10.97
CA ASP A 636 -1.44 -11.58 10.74
C ASP A 636 -2.32 -10.60 9.93
N GLU A 637 -2.54 -9.38 10.42
CA GLU A 637 -3.22 -8.36 9.69
C GLU A 637 -2.34 -7.10 9.53
N PRO A 638 -1.23 -7.23 8.80
CA PRO A 638 -0.42 -6.00 8.59
C PRO A 638 -1.08 -4.83 7.87
N ALA A 639 -2.04 -5.04 6.98
CA ALA A 639 -2.64 -3.97 6.24
C ALA A 639 -3.87 -3.28 6.86
N ILE A 640 -4.28 -3.57 8.11
CA ILE A 640 -5.46 -2.84 8.72
C ILE A 640 -5.39 -1.32 8.75
N ARG A 641 -4.30 -0.75 9.20
CA ARG A 641 -4.23 0.69 9.24
C ARG A 641 -4.21 1.29 7.83
N GLU A 642 -3.63 0.57 6.89
CA GLU A 642 -3.48 1.05 5.50
C GLU A 642 -4.79 1.33 4.80
N GLY A 643 -5.79 0.52 5.12
CA GLY A 643 -7.12 0.67 4.55
C GLY A 643 -8.03 1.72 5.26
N LEU A 644 -7.54 2.39 6.30
CA LEU A 644 -8.38 3.28 7.09
C LEU A 644 -8.96 4.40 6.13
N PRO A 645 -10.26 4.62 6.17
CA PRO A 645 -10.77 5.71 5.31
C PRO A 645 -10.12 7.01 5.62
N LEU A 646 -9.96 7.82 4.59
CA LEU A 646 -9.10 8.97 4.68
C LEU A 646 -9.66 10.08 5.59
N ARG A 647 -10.98 10.15 5.73
CA ARG A 647 -11.57 11.11 6.67
C ARG A 647 -12.29 10.44 7.85
N ALA A 648 -12.34 11.15 8.97
CA ALA A 648 -13.22 10.77 10.08
C ALA A 648 -14.68 10.73 9.68
N GLY A 649 -15.48 9.87 10.32
CA GLY A 649 -16.90 9.78 9.98
C GLY A 649 -17.43 8.35 9.81
N LYS A 650 -18.60 8.22 9.18
CA LYS A 650 -19.35 6.94 9.19
C LYS A 650 -18.54 5.90 8.48
N GLU A 651 -17.94 6.30 7.37
CA GLU A 651 -17.21 5.33 6.56
C GLU A 651 -16.01 4.74 7.36
N ARG A 652 -15.25 5.62 8.02
CA ARG A 652 -14.14 5.14 8.87
C ARG A 652 -14.61 4.23 10.01
N SER A 653 -15.63 4.66 10.75
CA SER A 653 -16.02 3.85 11.88
C SER A 653 -16.63 2.54 11.41
N ASP A 654 -17.29 2.54 10.23
CA ASP A 654 -17.90 1.34 9.65
C ASP A 654 -16.74 0.40 9.30
N TYR A 655 -15.69 0.95 8.73
CA TYR A 655 -14.52 0.14 8.36
C TYR A 655 -13.89 -0.51 9.57
N LEU A 656 -13.64 0.23 10.63
CA LEU A 656 -13.02 -0.40 11.79
C LEU A 656 -13.91 -1.55 12.28
N ASN A 657 -15.22 -1.33 12.23
CA ASN A 657 -16.20 -2.35 12.70
C ASN A 657 -16.14 -3.60 11.83
N TRP A 658 -16.19 -3.42 10.52
CA TRP A 658 -16.11 -4.61 9.65
C TRP A 658 -14.80 -5.28 9.45
N ALA A 659 -13.72 -4.50 9.60
CA ALA A 659 -12.37 -5.10 9.65
C ALA A 659 -12.23 -6.07 10.80
N ALA A 660 -12.59 -5.60 11.97
CA ALA A 660 -12.60 -6.41 13.13
C ALA A 660 -13.56 -7.59 13.02
N GLN A 661 -14.77 -7.34 12.48
CA GLN A 661 -15.69 -8.41 12.37
C GLN A 661 -15.20 -9.51 11.44
N SER A 662 -14.54 -9.15 10.35
CA SER A 662 -14.14 -10.20 9.38
C SER A 662 -13.03 -11.06 10.04
N PHE A 663 -12.21 -10.44 10.88
CA PHE A 663 -11.20 -11.18 11.61
C PHE A 663 -11.87 -12.13 12.59
N ARG A 664 -12.81 -11.62 13.35
CA ARG A 664 -13.55 -12.42 14.32
C ARG A 664 -14.35 -13.57 13.66
N VAL A 665 -14.90 -13.37 12.50
CA VAL A 665 -15.54 -14.45 11.76
C VAL A 665 -14.55 -15.56 11.42
N ALA A 666 -13.32 -15.21 11.07
CA ALA A 666 -12.30 -16.20 10.86
C ALA A 666 -11.90 -16.99 12.09
N THR A 667 -11.95 -16.36 13.28
CA THR A 667 -11.25 -16.87 14.43
C THR A 667 -12.19 -17.30 15.56
N SER A 668 -13.47 -17.06 15.41
CA SER A 668 -14.44 -17.29 16.52
C SER A 668 -15.08 -18.62 16.58
N GLY A 669 -14.81 -19.52 15.65
CA GLY A 669 -15.39 -20.85 15.72
C GLY A 669 -14.68 -21.83 16.67
N VAL A 670 -13.54 -21.47 17.22
CA VAL A 670 -12.66 -22.37 17.91
C VAL A 670 -13.11 -22.66 19.37
N GLU A 671 -12.55 -23.75 19.92
CA GLU A 671 -12.76 -24.13 21.30
C GLU A 671 -12.08 -23.12 22.22
N ASN A 672 -12.57 -22.98 23.44
CA ASN A 672 -11.92 -22.10 24.39
C ASN A 672 -10.47 -22.37 24.61
N SER A 673 -10.05 -23.62 24.45
CA SER A 673 -8.70 -23.95 24.77
C SER A 673 -7.77 -23.66 23.57
N THR A 674 -8.35 -23.27 22.43
CA THR A 674 -7.57 -22.88 21.27
C THR A 674 -7.12 -21.44 21.47
N GLN A 675 -5.84 -21.18 21.17
CA GLN A 675 -5.24 -19.89 21.52
C GLN A 675 -4.99 -19.15 20.22
N ILE A 676 -5.75 -18.07 20.04
CA ILE A 676 -5.65 -17.26 18.86
C ILE A 676 -4.70 -16.08 19.10
N HIS A 677 -3.73 -15.94 18.20
CA HIS A 677 -2.72 -14.87 18.29
C HIS A 677 -2.94 -13.92 17.15
N SER A 678 -2.59 -12.67 17.33
CA SER A 678 -2.55 -11.79 16.18
C SER A 678 -1.37 -10.88 16.23
N HIS A 679 -0.82 -10.69 15.05
CA HIS A 679 0.30 -9.88 14.88
C HIS A 679 -0.01 -8.68 13.96
N PHE A 680 0.47 -7.55 14.43
CA PHE A 680 0.38 -6.24 13.79
C PHE A 680 1.78 -5.60 13.67
N CYS A 681 2.07 -5.05 12.49
CA CYS A 681 3.39 -4.47 12.21
C CYS A 681 3.35 -2.96 12.40
N TYR A 682 2.73 -2.53 13.49
CA TYR A 682 2.52 -1.15 13.83
C TYR A 682 3.01 -0.96 15.23
N SER A 683 3.40 0.26 15.56
CA SER A 683 3.88 0.58 16.92
C SER A 683 2.76 1.18 17.79
N ASP A 684 1.91 2.00 17.18
CA ASP A 684 0.80 2.65 17.88
C ASP A 684 -0.48 2.47 17.06
N LEU A 685 -0.88 1.23 16.77
CA LEU A 685 -2.19 0.95 16.15
C LEU A 685 -3.27 1.15 17.20
N ASP A 686 -4.50 1.49 16.80
CA ASP A 686 -5.55 1.86 17.78
C ASP A 686 -5.76 0.81 18.88
N PRO A 687 -5.40 1.11 20.16
CA PRO A 687 -5.69 0.09 21.20
C PRO A 687 -7.10 -0.46 21.19
N ASN A 688 -8.07 0.42 20.93
CA ASN A 688 -9.48 0.07 20.81
C ASN A 688 -9.72 -1.00 19.75
N HIS A 689 -9.05 -0.87 18.60
CA HIS A 689 -9.29 -1.83 17.52
C HIS A 689 -8.72 -3.21 17.91
N ILE A 690 -7.53 -3.19 18.53
CA ILE A 690 -6.88 -4.39 19.02
C ILE A 690 -7.77 -5.13 20.02
N LYS A 691 -8.34 -4.41 20.96
CA LYS A 691 -9.33 -5.05 21.86
C LYS A 691 -10.51 -5.67 21.09
N ALA A 692 -10.98 -5.00 20.05
CA ALA A 692 -12.11 -5.50 19.26
C ALA A 692 -11.89 -6.90 18.65
N LEU A 693 -10.64 -7.28 18.41
CA LEU A 693 -10.31 -8.59 17.83
C LEU A 693 -10.43 -9.74 18.80
N ASP A 694 -10.35 -9.45 20.09
CA ASP A 694 -10.44 -10.40 21.23
C ASP A 694 -9.51 -11.57 21.09
N ALA A 695 -8.34 -11.32 20.55
CA ALA A 695 -7.33 -12.34 20.41
C ALA A 695 -6.76 -12.69 21.78
N ASP A 696 -6.48 -13.98 22.00
CA ASP A 696 -5.90 -14.44 23.25
C ASP A 696 -4.54 -13.84 23.54
N VAL A 697 -3.75 -13.70 22.50
CA VAL A 697 -2.43 -13.08 22.55
C VAL A 697 -2.19 -12.14 21.36
N VAL A 698 -1.67 -10.94 21.62
CA VAL A 698 -1.27 -10.05 20.51
C VAL A 698 0.23 -9.73 20.54
N SER A 699 0.85 -9.72 19.37
CA SER A 699 2.19 -9.17 19.31
C SER A 699 2.16 -7.83 18.56
N ILE A 700 2.83 -6.84 19.11
CA ILE A 700 2.88 -5.48 18.51
C ILE A 700 4.36 -5.11 18.36
N GLU A 701 4.76 -4.53 17.22
CA GLU A 701 6.08 -3.87 17.14
C GLU A 701 6.22 -2.87 18.29
N PHE A 702 7.42 -2.72 18.87
CA PHE A 702 7.64 -1.72 19.94
C PHE A 702 9.09 -1.30 20.18
N SER A 703 10.05 -2.09 19.71
CA SER A 703 11.47 -1.76 19.87
C SER A 703 11.77 -0.40 19.24
N PRO A 708 5.22 5.58 23.32
CA PRO A 708 5.58 6.11 24.61
C PRO A 708 4.86 5.40 25.78
N ASN A 709 3.89 6.05 26.42
CA ASN A 709 3.18 5.48 27.59
C ASN A 709 1.98 4.57 27.20
N TYR A 710 1.89 4.19 25.91
CA TYR A 710 0.75 3.45 25.32
C TYR A 710 0.52 2.04 25.90
N ILE A 711 1.55 1.45 26.49
CA ILE A 711 1.43 0.17 27.23
C ILE A 711 0.42 0.25 28.38
N GLN A 712 0.16 1.45 28.87
CA GLN A 712 -0.81 1.70 29.95
C GLN A 712 -2.25 1.53 29.42
N GLU A 713 -2.47 1.80 28.15
CA GLU A 713 -3.79 1.58 27.53
C GLU A 713 -4.29 0.13 27.73
N PHE A 714 -3.39 -0.82 27.95
CA PHE A 714 -3.80 -2.24 28.04
C PHE A 714 -3.86 -2.82 29.48
N SER A 715 -3.86 -1.93 30.48
CA SER A 715 -3.71 -2.30 31.90
C SER A 715 -4.87 -3.13 32.46
N GLU A 716 -6.10 -2.60 32.35
CA GLU A 716 -7.31 -3.36 32.63
C GLU A 716 -7.92 -3.89 31.30
N TYR A 717 -7.10 -4.64 30.55
CA TYR A 717 -7.52 -5.46 29.38
C TYR A 717 -6.94 -6.83 29.61
N PRO A 718 -7.79 -7.82 29.85
CA PRO A 718 -7.19 -9.05 30.39
C PRO A 718 -6.28 -9.86 29.41
N ASN A 719 -6.50 -9.69 28.10
CA ASN A 719 -5.83 -10.57 27.12
C ASN A 719 -4.30 -10.29 27.05
N HIS A 720 -3.53 -11.27 26.61
CA HIS A 720 -2.09 -11.14 26.68
C HIS A 720 -1.43 -10.37 25.53
N ILE A 721 -0.31 -9.72 25.83
CA ILE A 721 0.41 -8.89 24.83
C ILE A 721 1.92 -9.14 24.79
N GLY A 722 2.47 -9.22 23.58
CA GLY A 722 3.90 -9.40 23.40
C GLY A 722 4.50 -8.15 22.75
N LEU A 723 5.03 -7.24 23.55
CA LEU A 723 5.56 -5.94 23.00
C LEU A 723 6.94 -6.22 22.42
N GLY A 724 7.05 -6.19 21.11
CA GLY A 724 8.28 -6.51 20.39
C GLY A 724 9.53 -5.81 20.92
N LEU A 725 10.55 -6.63 21.18
CA LEU A 725 11.73 -6.22 21.93
C LEU A 725 12.92 -5.85 21.04
N PHE A 726 12.94 -6.26 19.78
CA PHE A 726 14.03 -5.83 18.91
C PHE A 726 13.68 -5.79 17.42
N ASP A 727 14.20 -4.76 16.74
CA ASP A 727 13.95 -4.53 15.31
C ASP A 727 14.64 -5.60 14.49
N ILE A 728 13.86 -6.45 13.83
CA ILE A 728 14.42 -7.52 13.00
C ILE A 728 14.88 -6.99 11.63
N HIS A 729 14.94 -5.68 11.47
CA HIS A 729 15.52 -5.06 10.26
C HIS A 729 17.07 -4.87 10.28
N SER A 730 17.75 -5.28 11.36
CA SER A 730 19.22 -5.39 11.39
C SER A 730 19.78 -5.20 12.78
N ILE A 733 22.94 -8.28 17.44
CA ILE A 733 22.53 -8.81 18.72
C ILE A 733 22.34 -7.69 19.77
N PRO A 734 21.19 -7.70 20.49
CA PRO A 734 21.20 -7.09 21.83
C PRO A 734 21.63 -8.10 22.82
N SER A 735 22.00 -7.61 23.99
CA SER A 735 22.55 -8.45 25.02
C SER A 735 21.46 -8.88 26.02
N LYS A 736 21.72 -9.97 26.75
CA LYS A 736 20.86 -10.43 27.83
C LYS A 736 20.57 -9.32 28.86
N GLN A 737 21.47 -8.33 28.93
CA GLN A 737 21.28 -7.16 29.78
C GLN A 737 20.36 -6.16 29.07
N GLU A 738 20.69 -5.80 27.82
CA GLU A 738 19.83 -4.94 26.96
C GLU A 738 18.38 -5.43 26.87
N PHE A 739 18.19 -6.74 26.87
CA PHE A 739 16.83 -7.31 26.93
C PHE A 739 16.29 -7.19 28.36
N VAL A 740 17.15 -7.44 29.34
CA VAL A 740 16.68 -7.53 30.73
C VAL A 740 16.33 -6.13 31.22
N SER A 741 16.91 -5.14 30.56
CA SER A 741 16.61 -3.73 30.83
C SER A 741 15.33 -3.36 30.11
N ARG A 742 15.20 -3.77 28.83
CA ARG A 742 13.95 -3.51 28.07
C ARG A 742 12.71 -4.17 28.76
N ILE A 743 12.82 -5.43 29.17
CA ILE A 743 11.67 -6.08 29.87
C ILE A 743 11.41 -5.46 31.25
N GLU A 744 12.47 -5.05 31.98
CA GLU A 744 12.32 -4.35 33.27
C GLU A 744 11.71 -2.96 33.04
N GLU A 745 12.05 -2.33 31.92
CA GLU A 745 11.43 -1.06 31.54
C GLU A 745 9.92 -1.28 31.37
N ILE A 746 9.52 -2.05 30.33
CA ILE A 746 8.10 -2.40 30.08
C ILE A 746 7.38 -2.87 31.37
N LEU A 747 8.10 -3.77 32.11
CA LEU A 747 7.47 -4.51 33.22
C LEU A 747 6.94 -3.62 34.33
N LYS A 748 7.46 -2.37 34.34
CA LYS A 748 7.04 -1.33 35.28
C LYS A 748 5.67 -0.74 34.92
N VAL A 749 5.39 -0.59 33.63
CA VAL A 749 4.08 -0.11 33.16
C VAL A 749 3.06 -1.23 32.79
N TYR A 750 3.33 -2.51 33.09
CA TYR A 750 2.47 -3.61 32.59
C TYR A 750 2.59 -4.92 33.41
N PRO A 751 1.45 -5.60 33.66
CA PRO A 751 1.49 -6.84 34.48
C PRO A 751 2.29 -8.02 33.89
N ALA A 752 3.34 -8.47 34.56
CA ALA A 752 4.13 -9.59 34.06
C ALA A 752 3.27 -10.82 33.71
N SER A 753 2.13 -11.01 34.38
CA SER A 753 1.25 -12.15 34.12
C SER A 753 0.68 -12.10 32.71
N LYS A 754 0.67 -10.94 32.06
CA LYS A 754 0.14 -10.82 30.70
C LYS A 754 1.19 -10.75 29.56
N PHE A 755 2.48 -10.88 29.90
CA PHE A 755 3.54 -10.40 29.03
C PHE A 755 4.27 -11.54 28.32
N TRP A 756 4.19 -11.49 26.99
CA TRP A 756 4.86 -12.40 26.13
C TRP A 756 6.14 -11.78 25.65
N VAL A 757 7.16 -12.61 25.38
CA VAL A 757 8.43 -12.11 24.87
C VAL A 757 8.73 -12.62 23.45
N ASN A 758 8.88 -11.67 22.49
CA ASN A 758 9.18 -12.00 21.08
C ASN A 758 9.89 -10.82 20.35
N PRO A 759 10.49 -11.06 19.17
CA PRO A 759 11.03 -10.00 18.30
C PRO A 759 9.93 -9.10 17.73
N ASP A 760 10.30 -8.09 16.90
CA ASP A 760 9.32 -7.16 16.29
C ASP A 760 8.48 -7.76 15.16
N CYS A 761 9.09 -8.69 14.45
CA CYS A 761 8.45 -9.32 13.29
C CYS A 761 9.18 -10.63 12.95
N GLY A 762 8.84 -11.25 11.83
CA GLY A 762 9.48 -12.48 11.37
C GLY A 762 10.92 -12.14 10.99
N LEU A 763 11.78 -13.18 10.92
CA LEU A 763 13.23 -13.01 10.66
C LEU A 763 13.64 -13.56 9.27
N LYS A 764 12.64 -13.71 8.41
CA LYS A 764 12.81 -14.02 7.00
C LYS A 764 13.94 -13.20 6.39
N THR A 765 13.95 -11.91 6.72
CA THR A 765 14.87 -10.92 6.12
C THR A 765 16.08 -10.72 7.04
N ARG A 766 16.60 -11.82 7.57
CA ARG A 766 17.82 -11.77 8.38
C ARG A 766 18.77 -12.94 8.06
N GLY A 767 19.98 -12.88 8.63
CA GLY A 767 20.93 -13.99 8.58
C GLY A 767 20.95 -14.86 9.85
N TRP A 768 21.30 -16.14 9.65
CA TRP A 768 21.32 -17.14 10.73
C TRP A 768 22.16 -16.80 11.97
N PRO A 769 23.43 -16.41 11.79
CA PRO A 769 24.26 -16.15 12.98
C PRO A 769 23.72 -15.08 13.97
N GLU A 770 23.17 -13.98 13.46
CA GLU A 770 22.54 -12.99 14.35
C GLU A 770 21.20 -13.51 14.90
N VAL A 771 20.44 -14.26 14.09
CA VAL A 771 19.20 -14.85 14.61
C VAL A 771 19.53 -15.71 15.87
N LYS A 772 20.47 -16.65 15.72
CA LYS A 772 20.92 -17.52 16.83
C LYS A 772 21.27 -16.76 18.11
N GLU A 773 22.23 -15.85 18.05
CA GLU A 773 22.60 -15.06 19.24
C GLU A 773 21.47 -14.16 19.77
N SER A 774 20.68 -13.59 18.88
CA SER A 774 19.65 -12.64 19.31
C SER A 774 18.54 -13.36 20.08
N LEU A 775 18.11 -14.50 19.56
CA LEU A 775 17.04 -15.22 20.19
C LEU A 775 17.52 -15.86 21.49
N THR A 776 18.76 -16.37 21.51
CA THR A 776 19.33 -16.99 22.71
C THR A 776 19.31 -16.00 23.86
N ASN A 777 19.84 -14.82 23.59
CA ASN A 777 19.81 -13.71 24.54
C ASN A 777 18.39 -13.44 25.07
N MET A 778 17.45 -13.34 24.13
CA MET A 778 16.03 -13.10 24.43
C MET A 778 15.43 -14.11 25.42
N VAL A 779 15.62 -15.39 25.12
CA VAL A 779 15.17 -16.45 26.00
C VAL A 779 15.97 -16.46 27.31
N GLU A 780 17.30 -16.32 27.21
CA GLU A 780 18.11 -16.31 28.44
C GLU A 780 17.58 -15.20 29.35
N ALA A 781 17.30 -14.01 28.80
CA ALA A 781 16.69 -12.91 29.55
C ALA A 781 15.39 -13.32 30.24
N ALA A 782 14.46 -13.93 29.47
CA ALA A 782 13.15 -14.33 30.02
C ALA A 782 13.25 -15.27 31.17
N LYS A 783 14.17 -16.23 31.03
CA LYS A 783 14.39 -17.20 32.06
C LYS A 783 14.84 -16.55 33.37
N GLU A 784 15.69 -15.53 33.29
CA GLU A 784 16.16 -14.81 34.49
C GLU A 784 14.97 -14.13 35.20
N PHE A 785 14.04 -13.54 34.42
CA PHE A 785 12.76 -13.05 34.99
C PHE A 785 11.88 -14.19 35.46
N ARG A 786 11.76 -15.22 34.65
CA ARG A 786 10.95 -16.38 35.01
C ARG A 786 11.37 -16.94 36.39
N ALA A 787 12.66 -16.90 36.67
CA ALA A 787 13.20 -17.28 37.98
C ALA A 787 12.68 -16.46 39.19
N LYS A 788 12.53 -15.14 39.04
CA LYS A 788 12.14 -14.32 40.20
C LYS A 788 10.62 -14.10 40.37
N TYR A 789 9.79 -14.89 39.69
CA TYR A 789 8.33 -14.81 39.85
C TYR A 789 7.68 -16.17 40.12
ZN ZN B . 5.53 -7.50 11.75
N GLN C . 4.19 -14.69 9.94
CA GLN C . 4.84 -13.64 9.08
C GLN C . 6.38 -13.63 9.37
O GLN C . 6.75 -13.99 10.53
CB GLN C . 4.16 -12.29 9.35
CG GLN C . 5.07 -11.07 9.25
CD GLN C . 4.15 -9.88 8.97
OE1 GLN C . 3.04 -9.73 9.54
NE2 GLN C . 4.59 -9.05 8.00
OXT GLN C . 7.15 -13.35 8.39
#